data_9QJE
#
_entry.id   9QJE
#
_cell.length_a   75.749
_cell.length_b   68.816
_cell.length_c   77.668
_cell.angle_alpha   90.000
_cell.angle_beta   94.480
_cell.angle_gamma   90.000
#
_symmetry.space_group_name_H-M   'P 1 21 1'
#
loop_
_entity.id
_entity.type
_entity.pdbx_description
1 polymer 'Ubiquitin carboxyl-terminal hydrolase 7'
2 non-polymer ~{N}-(3-nitropyridin-2-yl)isoquinolin-3-amine
3 non-polymer 1,2-ETHANEDIOL
4 non-polymer DI(HYDROXYETHYL)ETHER
5 non-polymer 'BROMIDE ION'
6 water water
#
_entity_poly.entity_id   1
_entity_poly.type   'polypeptide(L)'
_entity_poly.pdbx_seq_one_letter_code
;GGSKKHTGYVGLKNQGATCYMNSLLQTLFFTNQLRKAVYMMPTEGDDSSKSVPLALQRVFYELQHSDKPVGTKKLTKSFG
WETLDSFMQHDVQELCRVLLDNVENKMKGTCVEGTIPKLFRGKMVSYIQCKEVDYRSDRREDYYDIQLSIKGKKNIFESF
VDYVAVEQLDGDNKYDAGEHGLQEAEKGVKFLTLPPVLHLQLMRFMYDPQTDQNIKINDRFEFPEQLPLDEFLQKTDPKD
PANYILHAVLVHSGDNHGGHYVVYLNPKGDGKWCKFDDDVVSRCTKEEAIEHNYGGHDDDLSVRHCTNAYMLVYIRESKL
SEVLQAVTDHDIPQQLVERLQEEKRIEAQKRKERQE
;
_entity_poly.pdbx_strand_id   A,B
#
loop_
_chem_comp.id
_chem_comp.type
_chem_comp.name
_chem_comp.formula
A1I71 non-polymer ~{N}-(3-nitropyridin-2-yl)isoquinolin-3-amine 'C18 H15 N6 O2 1'
BR non-polymer 'BROMIDE ION' 'Br -1'
EDO non-polymer 1,2-ETHANEDIOL 'C2 H6 O2'
PEG non-polymer DI(HYDROXYETHYL)ETHER 'C4 H10 O3'
#
# COMPACT_ATOMS: atom_id res chain seq x y z
N GLY A 2 24.76 5.74 -20.92
CA GLY A 2 24.25 6.44 -19.76
C GLY A 2 22.76 6.25 -19.62
N SER A 3 22.33 5.00 -19.45
CA SER A 3 20.90 4.71 -19.41
C SER A 3 20.24 5.19 -18.11
N LYS A 4 21.00 5.30 -17.02
CA LYS A 4 20.47 5.98 -15.83
C LYS A 4 20.17 7.46 -16.13
N LYS A 5 21.07 8.13 -16.87
CA LYS A 5 20.83 9.53 -17.21
C LYS A 5 19.63 9.67 -18.17
N HIS A 6 19.56 8.81 -19.20
CA HIS A 6 18.60 9.00 -20.28
C HIS A 6 17.16 8.73 -19.83
N THR A 7 16.97 7.81 -18.89
CA THR A 7 15.63 7.38 -18.52
C THR A 7 15.35 7.43 -17.03
N GLY A 8 16.33 7.69 -16.18
CA GLY A 8 16.16 7.47 -14.76
C GLY A 8 16.23 6.03 -14.30
N TYR A 9 16.35 5.06 -15.20
CA TYR A 9 16.33 3.65 -14.83
C TYR A 9 17.60 2.98 -15.30
N VAL A 10 17.96 1.88 -14.66
CA VAL A 10 19.20 1.17 -14.98
C VAL A 10 18.86 -0.25 -15.41
N GLY A 11 19.74 -0.82 -16.24
CA GLY A 11 19.56 -2.15 -16.76
C GLY A 11 20.29 -3.23 -15.97
N LEU A 12 20.15 -4.46 -16.48
CA LEU A 12 20.71 -5.66 -15.89
C LEU A 12 21.82 -6.19 -16.80
N LYS A 13 22.90 -6.72 -16.22
CA LYS A 13 24.02 -7.18 -17.02
C LYS A 13 23.62 -8.38 -17.90
N ASN A 14 24.35 -8.56 -19.00
CA ASN A 14 24.12 -9.69 -19.90
C ASN A 14 25.22 -10.73 -19.67
N GLN A 15 25.10 -11.49 -18.56
CA GLN A 15 26.18 -12.35 -18.11
C GLN A 15 25.88 -13.85 -18.22
N GLY A 16 24.93 -14.23 -19.06
CA GLY A 16 24.67 -15.63 -19.29
C GLY A 16 23.42 -15.83 -20.12
N ALA A 17 23.26 -17.05 -20.59
CA ALA A 17 22.08 -17.42 -21.40
C ALA A 17 20.88 -17.59 -20.47
N THR A 18 20.41 -16.47 -19.94
CA THR A 18 19.32 -16.46 -18.99
C THR A 18 17.96 -16.17 -19.63
N CYS A 19 17.93 -16.00 -20.95
CA CYS A 19 16.70 -15.84 -21.75
C CYS A 19 15.79 -14.75 -21.18
N TYR A 20 14.59 -15.15 -20.77
CA TYR A 20 13.54 -14.26 -20.29
C TYR A 20 13.82 -13.65 -18.93
N MET A 21 14.91 -14.03 -18.24
CA MET A 21 15.07 -13.68 -16.83
C MET A 21 15.20 -12.16 -16.63
N ASN A 22 16.05 -11.51 -17.42
CA ASN A 22 16.21 -10.07 -17.22
C ASN A 22 14.90 -9.32 -17.49
N SER A 23 14.17 -9.70 -18.54
CA SER A 23 12.85 -9.13 -18.79
C SER A 23 11.93 -9.31 -17.60
N LEU A 24 11.90 -10.53 -17.04
CA LEU A 24 11.01 -10.81 -15.91
C LEU A 24 11.41 -10.01 -14.68
N LEU A 25 12.72 -9.85 -14.45
CA LEU A 25 13.20 -9.23 -13.21
C LEU A 25 12.77 -7.78 -13.14
N GLN A 26 12.91 -7.05 -14.27
CA GLN A 26 12.47 -5.67 -14.39
C GLN A 26 10.95 -5.54 -14.19
N THR A 27 10.19 -6.50 -14.74
CA THR A 27 8.74 -6.53 -14.57
C THR A 27 8.37 -6.61 -13.09
N LEU A 28 9.05 -7.48 -12.35
CA LEU A 28 8.81 -7.58 -10.91
C LEU A 28 9.34 -6.34 -10.17
N PHE A 29 10.50 -5.83 -10.57
CA PHE A 29 11.06 -4.64 -9.92
C PHE A 29 10.07 -3.48 -9.94
N PHE A 30 9.39 -3.26 -11.08
CA PHE A 30 8.45 -2.14 -11.24
C PHE A 30 7.05 -2.48 -10.78
N THR A 31 6.84 -3.66 -10.20
CA THR A 31 5.67 -3.97 -9.36
C THR A 31 5.99 -3.44 -7.97
N ASN A 32 5.79 -2.13 -7.80
CA ASN A 32 6.35 -1.39 -6.68
C ASN A 32 5.92 -1.96 -5.34
N GLN A 33 4.65 -2.34 -5.23
CA GLN A 33 4.15 -2.93 -3.99
C GLN A 33 4.82 -4.27 -3.71
N LEU A 34 5.15 -5.05 -4.74
CA LEU A 34 5.91 -6.28 -4.52
C LEU A 34 7.33 -5.95 -4.09
N ARG A 35 7.94 -4.95 -4.75
CA ARG A 35 9.30 -4.55 -4.41
C ARG A 35 9.40 -4.09 -2.95
N LYS A 36 8.45 -3.25 -2.50
CA LYS A 36 8.48 -2.75 -1.12
C LYS A 36 8.30 -3.88 -0.14
N ALA A 37 7.42 -4.83 -0.44
CA ALA A 37 7.24 -5.98 0.45
C ALA A 37 8.49 -6.83 0.49
N VAL A 38 9.15 -6.98 -0.67
CA VAL A 38 10.41 -7.73 -0.77
C VAL A 38 11.48 -7.12 0.16
N TYR A 39 11.53 -5.78 0.23
CA TYR A 39 12.46 -5.14 1.15
C TYR A 39 12.16 -5.41 2.62
N MET A 40 10.94 -5.84 2.97
CA MET A 40 10.57 -6.04 4.37
C MET A 40 10.76 -7.48 4.85
N MET A 41 11.22 -8.40 3.99
CA MET A 41 11.46 -9.78 4.44
C MET A 41 12.62 -9.81 5.43
N PRO A 42 12.49 -10.50 6.54
CA PRO A 42 13.62 -10.59 7.48
C PRO A 42 14.65 -11.62 7.01
N THR A 43 15.74 -11.13 6.43
CA THR A 43 16.81 -11.97 5.90
C THR A 43 18.15 -11.70 6.58
N GLU A 44 18.13 -11.05 7.75
CA GLU A 44 19.38 -10.69 8.43
C GLU A 44 20.21 -11.93 8.79
N GLY A 45 19.56 -12.98 9.24
CA GLY A 45 20.25 -14.24 9.54
C GLY A 45 20.45 -15.18 8.36
N ASP A 46 20.07 -14.80 7.14
CA ASP A 46 20.18 -15.68 5.97
C ASP A 46 21.63 -15.81 5.50
N ASP A 47 21.90 -16.89 4.76
CA ASP A 47 23.18 -17.07 4.07
C ASP A 47 23.22 -16.23 2.79
N SER A 48 24.37 -15.58 2.54
CA SER A 48 24.56 -14.66 1.43
C SER A 48 24.66 -15.33 0.06
N SER A 49 24.88 -16.64 0.02
CA SER A 49 25.01 -17.38 -1.23
C SER A 49 24.00 -18.52 -1.34
N LYS A 50 22.98 -18.54 -0.47
CA LYS A 50 21.93 -19.54 -0.54
C LYS A 50 20.52 -18.96 -0.61
N SER A 51 20.32 -17.71 -0.19
CA SER A 51 18.99 -17.20 0.09
C SER A 51 18.41 -16.50 -1.15
N VAL A 52 17.42 -17.12 -1.77
CA VAL A 52 16.65 -16.45 -2.82
C VAL A 52 15.98 -15.18 -2.30
N PRO A 53 15.32 -15.16 -1.13
CA PRO A 53 14.89 -13.89 -0.51
C PRO A 53 15.93 -12.76 -0.50
N LEU A 54 17.12 -13.03 0.07
CA LEU A 54 18.14 -11.99 0.14
C LEU A 54 18.63 -11.58 -1.25
N ALA A 55 18.79 -12.55 -2.15
CA ALA A 55 19.36 -12.24 -3.47
C ALA A 55 18.42 -11.39 -4.33
N LEU A 56 17.12 -11.57 -4.19
CA LEU A 56 16.20 -10.70 -4.91
C LEU A 56 16.15 -9.31 -4.28
N GLN A 57 16.38 -9.21 -2.96
CA GLN A 57 16.52 -7.91 -2.32
C GLN A 57 17.70 -7.14 -2.89
N ARG A 58 18.83 -7.84 -3.06
CA ARG A 58 20.06 -7.25 -3.58
C ARG A 58 19.88 -6.75 -5.01
N VAL A 59 19.25 -7.56 -5.87
CA VAL A 59 18.95 -7.14 -7.23
C VAL A 59 18.07 -5.90 -7.23
N PHE A 60 17.01 -5.93 -6.41
CA PHE A 60 16.07 -4.80 -6.39
C PHE A 60 16.75 -3.55 -5.84
N TYR A 61 17.54 -3.70 -4.77
CA TYR A 61 18.29 -2.58 -4.20
C TYR A 61 19.23 -1.97 -5.23
N GLU A 62 19.99 -2.82 -5.94
CA GLU A 62 20.92 -2.31 -6.93
C GLU A 62 20.18 -1.65 -8.09
N LEU A 63 19.09 -2.27 -8.56
CA LEU A 63 18.29 -1.64 -9.61
C LEU A 63 17.80 -0.27 -9.14
N GLN A 64 17.52 -0.14 -7.85
CA GLN A 64 17.05 1.15 -7.34
C GLN A 64 18.19 2.16 -7.13
N HIS A 65 19.41 1.71 -6.84
CA HIS A 65 20.45 2.65 -6.45
C HIS A 65 21.62 2.76 -7.43
N SER A 66 21.95 1.71 -8.18
CA SER A 66 23.14 1.71 -9.02
C SER A 66 22.98 2.64 -10.23
N ASP A 67 24.10 3.23 -10.63
CA ASP A 67 24.20 3.97 -11.89
C ASP A 67 24.76 3.12 -13.01
N LYS A 68 25.23 1.92 -12.70
CA LYS A 68 25.86 0.98 -13.61
C LYS A 68 24.97 -0.25 -13.75
N PRO A 69 25.11 -1.04 -14.83
CA PRO A 69 24.23 -2.22 -15.00
C PRO A 69 24.43 -3.26 -13.90
N VAL A 70 23.35 -3.96 -13.58
CA VAL A 70 23.22 -4.72 -12.35
C VAL A 70 23.41 -6.21 -12.65
N GLY A 71 24.34 -6.85 -11.94
CA GLY A 71 24.55 -8.27 -12.14
C GLY A 71 23.55 -9.17 -11.39
N THR A 72 23.50 -10.45 -11.83
CA THR A 72 22.52 -11.42 -11.32
C THR A 72 23.12 -12.76 -10.92
N LYS A 73 24.44 -12.90 -10.82
CA LYS A 73 25.04 -14.21 -10.59
C LYS A 73 24.60 -14.79 -9.25
N LYS A 74 24.58 -13.96 -8.19
CA LYS A 74 24.15 -14.45 -6.88
C LYS A 74 22.67 -14.82 -6.90
N LEU A 75 21.88 -14.21 -7.78
CA LEU A 75 20.48 -14.56 -7.89
C LEU A 75 20.33 -15.96 -8.52
N THR A 76 21.01 -16.21 -9.63
CA THR A 76 20.87 -17.49 -10.33
C THR A 76 21.50 -18.64 -9.56
N LYS A 77 22.59 -18.39 -8.82
CA LYS A 77 23.10 -19.41 -7.94
C LYS A 77 22.10 -19.73 -6.83
N SER A 78 21.31 -18.73 -6.39
CA SER A 78 20.43 -18.95 -5.24
C SER A 78 19.28 -19.91 -5.58
N PHE A 79 18.64 -19.75 -6.74
CA PHE A 79 17.57 -20.69 -7.10
C PHE A 79 18.07 -21.87 -7.94
N GLY A 80 19.37 -21.95 -8.22
CA GLY A 80 19.94 -23.16 -8.77
C GLY A 80 19.84 -23.35 -10.27
N TRP A 81 19.69 -22.28 -11.04
CA TRP A 81 19.67 -22.36 -12.50
C TRP A 81 20.94 -21.69 -13.01
N GLU A 82 22.00 -22.48 -13.21
CA GLU A 82 23.30 -21.94 -13.58
C GLU A 82 23.72 -22.31 -14.99
N THR A 83 22.94 -23.16 -15.66
CA THR A 83 23.18 -23.50 -17.06
C THR A 83 21.97 -23.07 -17.89
N LEU A 84 22.22 -22.92 -19.20
CA LEU A 84 21.14 -22.66 -20.14
C LEU A 84 20.10 -23.76 -20.11
N ASP A 85 20.53 -25.00 -19.85
CA ASP A 85 19.62 -26.14 -19.80
C ASP A 85 18.50 -25.91 -18.79
N SER A 86 18.80 -25.22 -17.68
CA SER A 86 17.75 -24.88 -16.73
C SER A 86 16.78 -23.85 -17.32
N PHE A 87 17.25 -22.94 -18.18
CA PHE A 87 16.35 -21.95 -18.75
C PHE A 87 15.60 -22.46 -19.98
N MET A 88 16.23 -23.31 -20.80
CA MET A 88 15.51 -23.95 -21.89
C MET A 88 14.38 -24.83 -21.36
N GLN A 89 14.64 -25.57 -20.28
CA GLN A 89 13.68 -26.52 -19.70
C GLN A 89 12.54 -25.83 -18.98
N HIS A 90 12.56 -24.52 -18.83
CA HIS A 90 11.45 -23.81 -18.23
C HIS A 90 10.97 -22.68 -19.13
N ASP A 91 9.79 -22.17 -18.81
CA ASP A 91 9.31 -20.96 -19.43
C ASP A 91 9.21 -19.85 -18.37
N VAL A 92 8.78 -18.67 -18.81
CA VAL A 92 8.86 -17.49 -17.94
C VAL A 92 7.89 -17.60 -16.76
N GLN A 93 6.72 -18.20 -16.96
CA GLN A 93 5.77 -18.36 -15.86
C GLN A 93 6.31 -19.29 -14.77
N GLU A 94 7.15 -20.28 -15.15
CA GLU A 94 7.74 -21.16 -14.14
C GLU A 94 8.81 -20.43 -13.32
N LEU A 95 9.65 -19.62 -13.97
CA LEU A 95 10.62 -18.83 -13.23
C LEU A 95 9.91 -17.84 -12.30
N CYS A 96 8.82 -17.25 -12.78
CA CYS A 96 8.05 -16.33 -11.93
C CYS A 96 7.50 -17.06 -10.70
N ARG A 97 7.04 -18.30 -10.88
CA ARG A 97 6.52 -19.03 -9.71
C ARG A 97 7.63 -19.36 -8.71
N VAL A 98 8.82 -19.76 -9.19
CA VAL A 98 9.93 -20.06 -8.29
C VAL A 98 10.32 -18.81 -7.49
N LEU A 99 10.36 -17.65 -8.15
CA LEU A 99 10.73 -16.42 -7.45
C LEU A 99 9.68 -16.01 -6.42
N LEU A 100 8.40 -15.99 -6.82
CA LEU A 100 7.36 -15.51 -5.90
C LEU A 100 7.04 -16.54 -4.79
N ASP A 101 7.20 -17.85 -5.05
CA ASP A 101 6.94 -18.84 -4.00
C ASP A 101 7.93 -18.69 -2.85
N ASN A 102 9.23 -18.55 -3.16
CA ASN A 102 10.23 -18.30 -2.13
C ASN A 102 9.92 -17.01 -1.39
N VAL A 103 9.54 -15.98 -2.14
CA VAL A 103 9.29 -14.66 -1.56
C VAL A 103 8.04 -14.68 -0.67
N GLU A 104 6.99 -15.38 -1.10
CA GLU A 104 5.76 -15.55 -0.31
C GLU A 104 6.01 -16.30 1.01
N ASN A 105 6.81 -17.37 0.96
CA ASN A 105 7.06 -18.17 2.16
C ASN A 105 7.82 -17.38 3.22
N LYS A 106 8.83 -16.62 2.80
CA LYS A 106 9.58 -15.79 3.74
C LYS A 106 8.75 -14.63 4.29
N MET A 107 7.66 -14.26 3.65
CA MET A 107 6.80 -13.23 4.21
C MET A 107 5.81 -13.76 5.23
N LYS A 108 5.61 -15.08 5.27
CA LYS A 108 4.77 -15.68 6.31
C LYS A 108 5.31 -15.31 7.68
N GLY A 109 4.40 -14.88 8.56
CA GLY A 109 4.76 -14.44 9.90
C GLY A 109 5.22 -13.00 10.02
N THR A 110 5.34 -12.25 8.92
CA THR A 110 5.77 -10.86 8.94
C THR A 110 4.61 -9.94 8.57
N CYS A 111 4.89 -8.64 8.61
CA CYS A 111 3.84 -7.65 8.41
C CYS A 111 3.38 -7.56 6.95
N VAL A 112 4.10 -8.15 6.00
CA VAL A 112 3.69 -8.13 4.59
C VAL A 112 3.22 -9.51 4.14
N GLU A 113 2.83 -10.38 5.09
CA GLU A 113 2.36 -11.73 4.72
C GLU A 113 1.16 -11.64 3.79
N GLY A 114 1.13 -12.52 2.80
CA GLY A 114 0.03 -12.54 1.84
C GLY A 114 0.12 -11.51 0.74
N THR A 115 1.26 -10.84 0.58
CA THR A 115 1.42 -9.84 -0.48
C THR A 115 1.34 -10.49 -1.84
N ILE A 116 1.94 -11.69 -1.99
CA ILE A 116 1.94 -12.35 -3.32
C ILE A 116 0.53 -12.72 -3.75
N PRO A 117 -0.30 -13.41 -2.94
CA PRO A 117 -1.67 -13.63 -3.39
C PRO A 117 -2.50 -12.36 -3.54
N LYS A 118 -2.28 -11.33 -2.71
CA LYS A 118 -3.05 -10.09 -2.86
C LYS A 118 -2.85 -9.46 -4.24
N LEU A 119 -1.63 -9.56 -4.78
CA LEU A 119 -1.24 -8.95 -6.04
C LEU A 119 -1.52 -9.83 -7.26
N PHE A 120 -1.20 -11.13 -7.20
CA PHE A 120 -1.18 -11.96 -8.40
C PHE A 120 -2.22 -13.05 -8.47
N ARG A 121 -2.98 -13.31 -7.40
CA ARG A 121 -3.84 -14.48 -7.34
C ARG A 121 -5.26 -14.11 -7.76
N GLY A 122 -5.79 -14.86 -8.74
CA GLY A 122 -7.19 -14.77 -9.09
C GLY A 122 -7.88 -16.11 -8.82
N LYS A 123 -9.20 -16.09 -8.92
CA LYS A 123 -10.01 -17.27 -8.63
C LYS A 123 -10.86 -17.62 -9.83
N MET A 124 -10.87 -18.91 -10.18
CA MET A 124 -11.65 -19.44 -11.28
C MET A 124 -12.38 -20.71 -10.84
N VAL A 125 -13.31 -21.16 -11.70
CA VAL A 125 -14.10 -22.36 -11.47
C VAL A 125 -14.01 -23.24 -12.72
N SER A 126 -13.52 -24.47 -12.55
CA SER A 126 -13.46 -25.41 -13.66
C SER A 126 -14.48 -26.53 -13.43
N TYR A 127 -15.35 -26.73 -14.41
CA TYR A 127 -16.50 -27.59 -14.25
C TYR A 127 -16.54 -28.61 -15.37
N ILE A 128 -17.24 -29.72 -15.08
CA ILE A 128 -17.71 -30.68 -16.07
C ILE A 128 -19.19 -30.90 -15.81
N GLN A 129 -20.02 -30.74 -16.84
CA GLN A 129 -21.47 -30.89 -16.72
C GLN A 129 -21.98 -31.97 -17.69
N CYS A 130 -22.57 -33.02 -17.14
CA CYS A 130 -23.20 -34.03 -17.97
C CYS A 130 -24.49 -33.48 -18.57
N LYS A 131 -24.79 -33.91 -19.79
CA LYS A 131 -26.01 -33.47 -20.46
C LYS A 131 -27.19 -34.40 -20.18
N GLU A 132 -26.98 -35.72 -20.31
CA GLU A 132 -28.06 -36.71 -20.19
C GLU A 132 -28.36 -37.14 -18.76
N VAL A 133 -27.48 -36.82 -17.79
CA VAL A 133 -27.70 -37.11 -16.38
C VAL A 133 -27.40 -35.85 -15.57
N ASP A 134 -27.94 -35.79 -14.35
CA ASP A 134 -27.83 -34.60 -13.52
C ASP A 134 -26.61 -34.70 -12.59
N TYR A 135 -25.43 -34.67 -13.20
CA TYR A 135 -24.18 -34.63 -12.45
C TYR A 135 -23.36 -33.44 -12.92
N ARG A 136 -22.72 -32.78 -11.96
CA ARG A 136 -21.79 -31.69 -12.19
C ARG A 136 -20.67 -31.78 -11.17
N SER A 137 -19.44 -31.60 -11.64
CA SER A 137 -18.28 -31.50 -10.77
C SER A 137 -17.71 -30.10 -10.90
N ASP A 138 -17.63 -29.39 -9.78
CA ASP A 138 -17.13 -28.03 -9.77
C ASP A 138 -15.82 -28.00 -9.01
N ARG A 139 -14.81 -27.41 -9.61
CA ARG A 139 -13.49 -27.31 -9.00
C ARG A 139 -13.08 -25.84 -8.99
N ARG A 140 -13.14 -25.22 -7.82
CA ARG A 140 -12.60 -23.88 -7.66
C ARG A 140 -11.07 -23.95 -7.66
N GLU A 141 -10.43 -23.09 -8.43
CA GLU A 141 -8.96 -23.10 -8.55
C GLU A 141 -8.40 -21.70 -8.40
N ASP A 142 -7.20 -21.61 -7.86
CA ASP A 142 -6.45 -20.37 -7.86
C ASP A 142 -5.46 -20.38 -9.03
N TYR A 143 -5.18 -19.19 -9.56
CA TYR A 143 -4.21 -19.05 -10.62
C TYR A 143 -3.39 -17.80 -10.33
N TYR A 144 -2.13 -17.83 -10.77
CA TYR A 144 -1.23 -16.68 -10.63
C TYR A 144 -0.86 -16.10 -11.97
N ASP A 145 -1.27 -16.75 -13.05
CA ASP A 145 -0.94 -16.39 -14.42
C ASP A 145 -1.89 -17.16 -15.31
N ILE A 146 -2.08 -16.64 -16.53
CA ILE A 146 -2.99 -17.20 -17.51
C ILE A 146 -2.17 -17.47 -18.76
N GLN A 147 -2.29 -18.68 -19.29
CA GLN A 147 -1.68 -19.02 -20.57
C GLN A 147 -2.79 -18.93 -21.63
N LEU A 148 -2.60 -18.07 -22.63
CA LEU A 148 -3.61 -17.83 -23.66
C LEU A 148 -3.11 -18.31 -25.02
N SER A 149 -3.95 -19.04 -25.73
CA SER A 149 -3.53 -19.51 -27.04
C SER A 149 -3.69 -18.39 -28.07
N ILE A 150 -2.78 -18.36 -29.03
CA ILE A 150 -2.76 -17.30 -30.01
C ILE A 150 -2.95 -17.79 -31.45
N LYS A 151 -2.75 -19.08 -31.73
CA LYS A 151 -2.93 -19.62 -33.08
C LYS A 151 -4.38 -19.51 -33.49
N GLY A 152 -4.63 -18.88 -34.65
CA GLY A 152 -5.98 -18.73 -35.12
C GLY A 152 -6.81 -17.71 -34.36
N LYS A 153 -6.17 -16.89 -33.51
CA LYS A 153 -6.86 -15.81 -32.81
C LYS A 153 -6.25 -14.48 -33.22
N LYS A 154 -7.12 -13.47 -33.38
CA LYS A 154 -6.65 -12.17 -33.84
C LYS A 154 -6.12 -11.33 -32.68
N ASN A 155 -6.72 -11.46 -31.50
CA ASN A 155 -6.40 -10.54 -30.40
C ASN A 155 -6.72 -11.18 -29.04
N ILE A 156 -6.38 -10.45 -27.97
CA ILE A 156 -6.61 -10.86 -26.59
C ILE A 156 -8.07 -11.22 -26.36
N PHE A 157 -8.99 -10.49 -26.99
CA PHE A 157 -10.41 -10.73 -26.77
C PHE A 157 -10.82 -12.10 -27.30
N GLU A 158 -10.38 -12.45 -28.52
CA GLU A 158 -10.63 -13.78 -29.04
C GLU A 158 -9.92 -14.86 -28.22
N SER A 159 -8.75 -14.57 -27.65
CA SER A 159 -8.10 -15.58 -26.81
C SER A 159 -8.90 -15.84 -25.56
N PHE A 160 -9.39 -14.79 -24.91
CA PHE A 160 -10.23 -15.01 -23.73
C PHE A 160 -11.52 -15.72 -24.10
N VAL A 161 -12.07 -15.42 -25.28
CA VAL A 161 -13.28 -16.13 -25.73
C VAL A 161 -12.99 -17.62 -25.86
N ASP A 162 -11.88 -17.96 -26.54
CA ASP A 162 -11.47 -19.35 -26.64
C ASP A 162 -11.21 -19.95 -25.27
N TYR A 163 -10.69 -19.16 -24.33
CA TYR A 163 -10.30 -19.69 -23.03
C TYR A 163 -11.50 -20.16 -22.23
N VAL A 164 -12.60 -19.41 -22.29
CA VAL A 164 -13.80 -19.69 -21.52
C VAL A 164 -14.81 -20.48 -22.35
N ALA A 165 -14.42 -20.97 -23.53
CA ALA A 165 -15.40 -21.67 -24.34
C ALA A 165 -15.65 -23.06 -23.77
N VAL A 166 -16.73 -23.65 -24.26
CA VAL A 166 -17.22 -24.95 -23.79
C VAL A 166 -16.62 -26.03 -24.68
N GLU A 167 -16.01 -27.02 -24.05
CA GLU A 167 -15.46 -28.18 -24.74
C GLU A 167 -16.41 -29.36 -24.59
N GLN A 168 -16.76 -30.00 -25.70
CA GLN A 168 -17.71 -31.11 -25.70
C GLN A 168 -16.98 -32.44 -25.50
N LEU A 169 -17.46 -33.24 -24.56
CA LEU A 169 -16.87 -34.55 -24.26
C LEU A 169 -17.81 -35.62 -24.79
N ASP A 170 -17.56 -36.10 -26.01
CA ASP A 170 -18.43 -37.08 -26.66
C ASP A 170 -17.59 -38.08 -27.46
N GLY A 171 -18.26 -39.13 -27.93
CA GLY A 171 -17.57 -40.16 -28.70
C GLY A 171 -16.53 -40.92 -27.88
N ASP A 172 -15.31 -41.00 -28.42
CA ASP A 172 -14.22 -41.70 -27.75
C ASP A 172 -13.60 -40.90 -26.61
N ASN A 173 -14.13 -39.71 -26.29
CA ASN A 173 -13.69 -38.89 -25.17
C ASN A 173 -14.87 -38.47 -24.32
N LYS A 174 -15.81 -39.39 -24.08
CA LYS A 174 -16.87 -39.17 -23.11
C LYS A 174 -16.28 -39.07 -21.70
N TYR A 175 -17.10 -38.60 -20.77
CA TYR A 175 -16.67 -38.40 -19.39
C TYR A 175 -17.06 -39.60 -18.52
N ASP A 176 -16.14 -40.00 -17.65
CA ASP A 176 -16.38 -41.05 -16.65
C ASP A 176 -17.19 -40.42 -15.51
N ALA A 177 -18.51 -40.63 -15.52
CA ALA A 177 -19.39 -40.01 -14.54
C ALA A 177 -19.71 -40.95 -13.38
N GLY A 178 -18.81 -41.88 -13.07
CA GLY A 178 -18.90 -42.69 -11.87
C GLY A 178 -20.00 -43.72 -11.95
N GLU A 179 -21.04 -43.55 -11.14
CA GLU A 179 -22.17 -44.48 -11.14
C GLU A 179 -23.00 -44.38 -12.42
N HIS A 180 -22.81 -43.33 -13.20
CA HIS A 180 -23.54 -43.13 -14.44
C HIS A 180 -22.82 -43.70 -15.65
N GLY A 181 -21.62 -44.28 -15.47
CA GLY A 181 -20.86 -44.76 -16.60
C GLY A 181 -20.30 -43.63 -17.46
N LEU A 182 -19.95 -44.01 -18.69
CA LEU A 182 -19.47 -43.05 -19.67
C LEU A 182 -20.60 -42.14 -20.15
N GLN A 183 -20.45 -40.84 -19.95
CA GLN A 183 -21.50 -39.89 -20.27
C GLN A 183 -20.96 -38.78 -21.16
N GLU A 184 -21.80 -38.34 -22.09
CA GLU A 184 -21.49 -37.14 -22.86
C GLU A 184 -21.63 -35.93 -21.97
N ALA A 185 -20.72 -34.98 -22.11
CA ALA A 185 -20.66 -33.88 -21.15
C ALA A 185 -19.96 -32.70 -21.78
N GLU A 186 -20.04 -31.56 -21.13
CA GLU A 186 -19.33 -30.38 -21.59
C GLU A 186 -18.47 -29.80 -20.47
N LYS A 187 -17.28 -29.33 -20.82
CA LYS A 187 -16.27 -28.92 -19.86
C LYS A 187 -15.82 -27.50 -20.17
N GLY A 188 -15.67 -26.68 -19.13
CA GLY A 188 -15.24 -25.31 -19.34
C GLY A 188 -14.61 -24.75 -18.08
N VAL A 189 -14.19 -23.50 -18.17
CA VAL A 189 -13.73 -22.76 -17.01
C VAL A 189 -14.47 -21.45 -16.96
N LYS A 190 -14.60 -20.90 -15.77
CA LYS A 190 -15.19 -19.58 -15.55
C LYS A 190 -14.27 -18.79 -14.64
N PHE A 191 -14.12 -17.49 -14.93
CA PHE A 191 -13.42 -16.57 -14.06
C PHE A 191 -14.36 -16.05 -12.98
N LEU A 192 -13.92 -16.10 -11.72
CA LEU A 192 -14.65 -15.42 -10.66
C LEU A 192 -13.99 -14.11 -10.22
N THR A 193 -12.66 -14.05 -10.19
CA THR A 193 -11.96 -12.80 -9.92
C THR A 193 -10.75 -12.72 -10.83
N LEU A 194 -10.31 -11.49 -11.09
CA LEU A 194 -9.03 -11.28 -11.73
C LEU A 194 -8.16 -10.48 -10.78
N PRO A 195 -6.87 -10.80 -10.66
CA PRO A 195 -6.04 -10.19 -9.63
C PRO A 195 -5.65 -8.77 -10.02
N PRO A 196 -5.13 -7.96 -9.08
CA PRO A 196 -4.72 -6.59 -9.44
C PRO A 196 -3.62 -6.53 -10.50
N VAL A 197 -2.65 -7.44 -10.45
CA VAL A 197 -1.58 -7.54 -11.45
C VAL A 197 -1.78 -8.83 -12.26
N LEU A 198 -2.03 -8.68 -13.55
CA LEU A 198 -2.48 -9.78 -14.41
C LEU A 198 -1.34 -10.16 -15.34
N HIS A 199 -0.77 -11.33 -15.10
CA HIS A 199 0.29 -11.92 -15.90
C HIS A 199 -0.35 -12.81 -16.97
N LEU A 200 -0.27 -12.42 -18.23
CA LEU A 200 -0.76 -13.23 -19.34
C LEU A 200 0.40 -13.65 -20.22
N GLN A 201 0.62 -14.97 -20.34
CA GLN A 201 1.58 -15.54 -21.29
C GLN A 201 0.87 -15.85 -22.61
N LEU A 202 1.47 -15.44 -23.71
CA LEU A 202 0.92 -15.72 -25.04
C LEU A 202 1.65 -16.93 -25.62
N MET A 203 0.91 -18.00 -25.89
CA MET A 203 1.51 -19.29 -26.24
C MET A 203 2.06 -19.27 -27.67
N ARG A 204 3.16 -18.54 -27.85
CA ARG A 204 3.91 -18.61 -29.10
C ARG A 204 4.89 -19.76 -29.15
N PHE A 205 5.36 -20.24 -27.99
CA PHE A 205 6.30 -21.36 -27.94
C PHE A 205 5.51 -22.61 -27.55
N MET A 206 5.32 -23.50 -28.51
CA MET A 206 4.62 -24.75 -28.28
C MET A 206 5.46 -25.90 -28.82
N TYR A 207 5.13 -27.10 -28.36
CA TYR A 207 5.70 -28.30 -28.95
C TYR A 207 4.98 -28.59 -30.26
N ASP A 208 5.75 -28.86 -31.31
CA ASP A 208 5.17 -29.29 -32.57
C ASP A 208 4.82 -30.78 -32.46
N PRO A 209 3.57 -31.16 -32.68
CA PRO A 209 3.28 -32.61 -32.80
C PRO A 209 3.81 -33.21 -34.08
N GLN A 210 3.87 -32.41 -35.15
CA GLN A 210 4.31 -32.93 -36.45
C GLN A 210 5.77 -33.35 -36.42
N THR A 211 6.63 -32.53 -35.83
CA THR A 211 8.03 -32.84 -35.63
C THR A 211 8.25 -33.26 -34.17
N ASP A 212 9.51 -33.42 -33.78
CA ASP A 212 9.89 -33.57 -32.38
C ASP A 212 10.68 -32.35 -31.91
N GLN A 213 10.24 -31.17 -32.36
CA GLN A 213 10.97 -29.92 -32.17
C GLN A 213 10.03 -28.84 -31.67
N ASN A 214 10.50 -28.06 -30.69
CA ASN A 214 9.74 -26.91 -30.23
C ASN A 214 9.78 -25.80 -31.28
N ILE A 215 8.64 -25.14 -31.48
CA ILE A 215 8.49 -24.13 -32.52
C ILE A 215 8.05 -22.82 -31.89
N LYS A 216 8.11 -21.75 -32.69
CA LYS A 216 7.62 -20.43 -32.30
C LYS A 216 6.66 -19.91 -33.36
N ILE A 217 5.50 -19.41 -32.94
CA ILE A 217 4.48 -18.90 -33.84
C ILE A 217 4.61 -17.39 -33.91
N ASN A 218 5.09 -16.88 -35.06
CA ASN A 218 5.31 -15.45 -35.26
C ASN A 218 4.10 -14.74 -35.87
N ASP A 219 2.91 -15.36 -35.78
CA ASP A 219 1.69 -14.77 -36.34
C ASP A 219 1.32 -13.46 -35.65
N ARG A 220 0.52 -12.65 -36.35
CA ARG A 220 0.07 -11.38 -35.80
C ARG A 220 -0.98 -11.60 -34.71
N PHE A 221 -0.79 -10.94 -33.57
CA PHE A 221 -1.70 -11.06 -32.44
C PHE A 221 -1.74 -9.73 -31.69
N GLU A 222 -2.95 -9.20 -31.50
CA GLU A 222 -3.11 -7.81 -31.09
C GLU A 222 -3.54 -7.70 -29.62
N PHE A 223 -3.03 -6.71 -28.93
CA PHE A 223 -3.42 -6.52 -27.56
C PHE A 223 -3.56 -5.03 -27.32
N PRO A 224 -4.51 -4.62 -26.49
CA PRO A 224 -4.77 -3.20 -26.30
C PRO A 224 -4.02 -2.62 -25.10
N GLU A 225 -3.79 -1.30 -25.17
CA GLU A 225 -3.28 -0.59 -24.00
C GLU A 225 -4.28 -0.66 -22.86
N GLN A 226 -5.58 -0.59 -23.18
CA GLN A 226 -6.67 -0.69 -22.21
C GLN A 226 -7.53 -1.90 -22.52
N LEU A 227 -7.60 -2.83 -21.55
CA LEU A 227 -8.26 -4.13 -21.70
C LEU A 227 -9.44 -4.28 -20.75
N PRO A 228 -10.68 -4.24 -21.25
CA PRO A 228 -11.87 -4.46 -20.39
C PRO A 228 -12.25 -5.94 -20.29
N LEU A 229 -12.26 -6.50 -19.08
CA LEU A 229 -12.47 -7.94 -18.91
C LEU A 229 -13.73 -8.28 -18.12
N ASP A 230 -14.60 -7.29 -17.85
CA ASP A 230 -15.80 -7.55 -17.06
C ASP A 230 -16.66 -8.65 -17.65
N GLU A 231 -16.72 -8.75 -18.99
CA GLU A 231 -17.66 -9.66 -19.59
C GLU A 231 -17.22 -11.12 -19.51
N PHE A 232 -15.99 -11.39 -19.04
CA PHE A 232 -15.52 -12.75 -18.79
C PHE A 232 -15.61 -13.15 -17.31
N LEU A 233 -16.22 -12.32 -16.47
CA LEU A 233 -16.47 -12.65 -15.08
C LEU A 233 -17.89 -13.18 -14.93
N GLN A 234 -18.09 -14.09 -13.97
CA GLN A 234 -19.44 -14.61 -13.75
C GLN A 234 -20.35 -13.54 -13.16
N LYS A 235 -19.82 -12.71 -12.26
CA LYS A 235 -20.56 -11.59 -11.68
C LYS A 235 -19.65 -10.38 -11.65
N THR A 236 -20.13 -9.25 -12.15
CA THR A 236 -19.33 -8.03 -12.18
C THR A 236 -19.70 -7.14 -11.00
N ASP A 237 -18.77 -6.27 -10.63
CA ASP A 237 -18.97 -5.33 -9.53
C ASP A 237 -19.19 -3.94 -10.11
N PRO A 238 -20.31 -3.27 -9.81
CA PRO A 238 -20.50 -1.92 -10.33
C PRO A 238 -19.48 -0.92 -9.84
N LYS A 239 -18.94 -1.10 -8.63
CA LYS A 239 -17.95 -0.17 -8.10
C LYS A 239 -16.52 -0.52 -8.49
N ASP A 240 -16.29 -1.67 -9.12
CA ASP A 240 -14.95 -2.09 -9.53
C ASP A 240 -15.01 -2.90 -10.82
N PRO A 241 -15.16 -2.23 -11.95
CA PRO A 241 -15.11 -2.95 -13.23
C PRO A 241 -13.72 -3.50 -13.50
N ALA A 242 -13.67 -4.63 -14.18
CA ALA A 242 -12.41 -5.31 -14.49
C ALA A 242 -11.73 -4.67 -15.72
N ASN A 243 -11.42 -3.38 -15.59
CA ASN A 243 -10.68 -2.64 -16.63
C ASN A 243 -9.20 -2.64 -16.30
N TYR A 244 -8.37 -3.00 -17.29
CA TYR A 244 -6.95 -3.26 -17.09
C TYR A 244 -6.11 -2.38 -18.00
N ILE A 245 -4.92 -2.04 -17.51
CA ILE A 245 -4.02 -1.06 -18.12
C ILE A 245 -2.70 -1.77 -18.45
N LEU A 246 -2.25 -1.67 -19.70
CA LEU A 246 -1.01 -2.32 -20.10
C LEU A 246 0.18 -1.74 -19.36
N HIS A 247 0.89 -2.59 -18.60
CA HIS A 247 2.09 -2.16 -17.88
C HIS A 247 3.38 -2.63 -18.54
N ALA A 248 3.40 -3.82 -19.15
CA ALA A 248 4.66 -4.43 -19.57
C ALA A 248 4.43 -5.36 -20.74
N VAL A 249 5.41 -5.39 -21.64
CA VAL A 249 5.35 -6.19 -22.85
C VAL A 249 6.71 -6.88 -22.93
N LEU A 250 6.73 -8.19 -22.70
CA LEU A 250 7.95 -8.99 -22.77
C LEU A 250 8.03 -9.60 -24.17
N VAL A 251 9.16 -9.41 -24.82
CA VAL A 251 9.25 -9.56 -26.26
C VAL A 251 10.41 -10.48 -26.59
N HIS A 252 10.26 -11.24 -27.67
CA HIS A 252 11.32 -12.06 -28.24
C HIS A 252 11.35 -11.87 -29.75
N SER A 253 12.53 -12.01 -30.36
CA SER A 253 12.64 -12.00 -31.80
C SER A 253 13.59 -13.09 -32.25
N GLY A 254 13.25 -13.75 -33.36
CA GLY A 254 14.11 -14.80 -33.89
C GLY A 254 13.56 -16.20 -33.69
N ASP A 255 14.46 -17.18 -33.59
CA ASP A 255 14.10 -18.58 -33.48
C ASP A 255 13.87 -18.98 -32.02
N ASN A 256 13.21 -20.12 -31.84
CA ASN A 256 12.98 -20.63 -30.48
C ASN A 256 14.30 -20.95 -29.78
N HIS A 257 15.25 -21.55 -30.50
CA HIS A 257 16.60 -21.72 -30.01
C HIS A 257 17.40 -20.45 -30.32
N GLY A 258 17.80 -19.74 -29.27
CA GLY A 258 18.53 -18.48 -29.43
C GLY A 258 17.60 -17.29 -29.26
N GLY A 259 17.76 -16.30 -30.14
CA GLY A 259 16.86 -15.18 -30.17
C GLY A 259 17.21 -14.10 -29.17
N HIS A 260 16.53 -12.97 -29.29
CA HIS A 260 16.80 -11.78 -28.50
C HIS A 260 15.61 -11.52 -27.57
N TYR A 261 15.89 -11.29 -26.29
CA TYR A 261 14.85 -11.09 -25.27
C TYR A 261 14.91 -9.65 -24.76
N VAL A 262 13.75 -8.98 -24.70
CA VAL A 262 13.65 -7.55 -24.39
C VAL A 262 12.30 -7.31 -23.72
N VAL A 263 12.23 -6.35 -22.78
CA VAL A 263 10.95 -5.97 -22.17
C VAL A 263 10.73 -4.47 -22.28
N TYR A 264 9.49 -4.10 -22.62
CA TYR A 264 8.99 -2.73 -22.67
C TYR A 264 8.12 -2.47 -21.44
N LEU A 265 8.24 -1.28 -20.87
CA LEU A 265 7.52 -0.96 -19.64
C LEU A 265 7.19 0.52 -19.63
N ASN A 266 6.00 0.87 -19.10
CA ASN A 266 5.77 2.23 -18.65
C ASN A 266 5.64 2.14 -17.13
N PRO A 267 6.77 2.25 -16.40
CA PRO A 267 6.81 1.93 -14.96
C PRO A 267 5.74 2.58 -14.12
N LYS A 268 5.41 3.82 -14.41
CA LYS A 268 4.43 4.56 -13.65
C LYS A 268 3.01 4.34 -14.16
N GLY A 269 2.82 3.55 -15.21
CA GLY A 269 1.48 3.40 -15.72
C GLY A 269 0.91 4.63 -16.40
N ASP A 270 1.74 5.59 -16.80
CA ASP A 270 1.26 6.82 -17.42
C ASP A 270 1.37 6.82 -18.93
N GLY A 271 1.66 5.68 -19.54
CA GLY A 271 1.86 5.63 -20.98
C GLY A 271 3.17 6.22 -21.48
N LYS A 272 4.15 6.46 -20.60
CA LYS A 272 5.49 6.88 -21.01
C LYS A 272 6.43 5.67 -20.94
N TRP A 273 6.81 5.15 -22.11
CA TRP A 273 7.41 3.83 -22.23
C TRP A 273 8.92 3.90 -22.39
N CYS A 274 9.61 2.91 -21.82
CA CYS A 274 11.02 2.67 -22.08
C CYS A 274 11.25 1.25 -22.60
N LYS A 275 12.32 1.09 -23.38
CA LYS A 275 12.81 -0.22 -23.82
C LYS A 275 13.97 -0.66 -22.92
N PHE A 276 13.83 -1.82 -22.26
CA PHE A 276 14.87 -2.35 -21.37
C PHE A 276 15.55 -3.50 -22.09
N ASP A 277 16.74 -3.24 -22.65
CA ASP A 277 17.45 -4.23 -23.46
C ASP A 277 18.75 -4.56 -22.73
N ASP A 278 18.66 -5.45 -21.73
CA ASP A 278 19.75 -5.82 -20.82
C ASP A 278 20.38 -4.59 -20.16
N ASP A 279 21.60 -4.22 -20.52
CA ASP A 279 22.25 -3.10 -19.85
C ASP A 279 21.80 -1.73 -20.37
N VAL A 280 21.06 -1.70 -21.48
CA VAL A 280 20.69 -0.46 -22.16
C VAL A 280 19.20 -0.24 -21.94
N VAL A 281 18.85 0.92 -21.37
CA VAL A 281 17.48 1.37 -21.21
C VAL A 281 17.35 2.69 -21.95
N SER A 282 16.35 2.79 -22.79
CA SER A 282 16.15 4.02 -23.55
C SER A 282 14.66 4.31 -23.63
N ARG A 283 14.33 5.59 -23.80
CA ARG A 283 12.95 5.95 -24.09
C ARG A 283 12.55 5.40 -25.45
N CYS A 284 11.26 5.10 -25.59
CA CYS A 284 10.71 4.64 -26.85
C CYS A 284 9.29 5.16 -26.95
N THR A 285 8.75 5.12 -28.17
CA THR A 285 7.37 5.51 -28.42
C THR A 285 6.40 4.45 -27.93
N LYS A 286 5.15 4.88 -27.70
CA LYS A 286 4.10 3.93 -27.35
C LYS A 286 3.84 2.95 -28.49
N GLU A 287 4.10 3.35 -29.73
CA GLU A 287 3.89 2.43 -30.84
C GLU A 287 4.97 1.35 -30.88
N GLU A 288 6.22 1.68 -30.52
CA GLU A 288 7.25 0.63 -30.52
C GLU A 288 6.98 -0.42 -29.44
N ALA A 289 6.47 0.02 -28.29
CA ALA A 289 6.17 -0.90 -27.20
C ALA A 289 4.99 -1.80 -27.52
N ILE A 290 3.94 -1.27 -28.18
CA ILE A 290 2.69 -2.00 -28.31
C ILE A 290 2.49 -2.55 -29.72
N GLU A 291 2.23 -1.66 -30.69
CA GLU A 291 1.83 -2.09 -32.02
C GLU A 291 2.95 -2.85 -32.72
N HIS A 292 4.19 -2.40 -32.54
CA HIS A 292 5.35 -3.02 -33.18
C HIS A 292 5.73 -4.35 -32.55
N ASN A 293 4.98 -4.84 -31.59
CA ASN A 293 5.20 -6.18 -31.08
C ASN A 293 4.01 -7.09 -31.34
N TYR A 294 3.13 -6.69 -32.27
CA TYR A 294 1.96 -7.50 -32.61
C TYR A 294 2.33 -8.74 -33.40
N GLY A 295 3.30 -8.63 -34.29
CA GLY A 295 3.73 -9.74 -35.14
C GLY A 295 3.32 -9.52 -36.58
N GLY A 296 3.69 -10.48 -37.42
CA GLY A 296 3.29 -10.45 -38.82
C GLY A 296 4.28 -11.09 -39.78
N CYS A 306 9.96 -11.47 -36.90
CA CYS A 306 10.96 -10.86 -36.03
C CYS A 306 10.42 -10.63 -34.62
N THR A 307 10.39 -9.36 -34.21
CA THR A 307 9.93 -8.96 -32.88
C THR A 307 8.46 -9.30 -32.66
N ASN A 308 8.13 -9.84 -31.48
CA ASN A 308 6.75 -9.96 -31.01
C ASN A 308 6.71 -10.32 -29.53
N ALA A 309 5.55 -10.08 -28.94
CA ALA A 309 5.30 -10.27 -27.52
C ALA A 309 5.01 -11.74 -27.18
N TYR A 310 5.66 -12.24 -26.12
CA TYR A 310 5.27 -13.54 -25.57
C TYR A 310 4.62 -13.44 -24.19
N MET A 311 4.58 -12.27 -23.56
CA MET A 311 3.99 -12.13 -22.23
C MET A 311 3.61 -10.67 -21.99
N LEU A 312 2.44 -10.47 -21.36
CA LEU A 312 1.90 -9.15 -21.06
C LEU A 312 1.58 -9.06 -19.57
N VAL A 313 1.82 -7.87 -19.00
CA VAL A 313 1.41 -7.56 -17.62
C VAL A 313 0.43 -6.40 -17.69
N TYR A 314 -0.74 -6.59 -17.10
CA TYR A 314 -1.76 -5.56 -16.95
C TYR A 314 -2.00 -5.32 -15.47
N ILE A 315 -2.45 -4.10 -15.14
CA ILE A 315 -2.75 -3.74 -13.78
C ILE A 315 -4.17 -3.22 -13.75
N ARG A 316 -4.95 -3.67 -12.76
CA ARG A 316 -6.32 -3.21 -12.64
C ARG A 316 -6.33 -1.71 -12.34
N GLU A 317 -7.25 -0.99 -13.00
CA GLU A 317 -7.20 0.47 -12.98
C GLU A 317 -7.39 1.01 -11.57
N SER A 318 -8.33 0.42 -10.81
CA SER A 318 -8.56 0.82 -9.43
C SER A 318 -7.39 0.46 -8.51
N LYS A 319 -6.49 -0.42 -8.92
CA LYS A 319 -5.35 -0.81 -8.07
C LYS A 319 -4.04 -0.18 -8.52
N LEU A 320 -4.07 0.60 -9.60
CA LEU A 320 -2.84 1.10 -10.21
C LEU A 320 -2.05 2.02 -9.26
N SER A 321 -2.73 2.94 -8.58
CA SER A 321 -2.03 3.82 -7.64
C SER A 321 -1.43 3.04 -6.48
N GLU A 322 -2.11 1.99 -6.02
CA GLU A 322 -1.57 1.20 -4.92
C GLU A 322 -0.41 0.32 -5.40
N VAL A 323 -0.61 -0.39 -6.52
CA VAL A 323 0.40 -1.34 -7.00
C VAL A 323 1.68 -0.61 -7.38
N LEU A 324 1.54 0.55 -8.03
CA LEU A 324 2.67 1.37 -8.43
C LEU A 324 2.98 2.48 -7.42
N GLN A 325 2.73 2.25 -6.12
CA GLN A 325 3.01 3.25 -5.08
C GLN A 325 4.49 3.62 -5.05
N ALA A 326 4.76 4.88 -4.73
CA ALA A 326 6.13 5.39 -4.79
C ALA A 326 7.02 4.61 -3.83
N VAL A 327 8.28 4.40 -4.23
CA VAL A 327 9.24 3.67 -3.40
C VAL A 327 10.47 4.53 -3.12
N THR A 328 10.60 4.99 -1.87
CA THR A 328 11.76 5.78 -1.45
C THR A 328 12.89 4.88 -0.98
N ASP A 329 14.09 5.48 -0.85
CA ASP A 329 15.22 4.79 -0.23
C ASP A 329 14.95 4.53 1.24
N HIS A 330 14.11 5.36 1.86
CA HIS A 330 13.67 5.14 3.23
C HIS A 330 12.84 3.87 3.38
N ASP A 331 12.22 3.40 2.29
CA ASP A 331 11.45 2.16 2.33
C ASP A 331 12.32 0.92 2.43
N ILE A 332 13.63 1.03 2.24
CA ILE A 332 14.55 -0.09 2.44
C ILE A 332 15.05 -0.02 3.87
N PRO A 333 14.81 -1.04 4.70
CA PRO A 333 15.21 -0.98 6.11
C PRO A 333 16.71 -0.78 6.23
N GLN A 334 17.08 0.00 7.25
CA GLN A 334 18.47 0.44 7.40
C GLN A 334 19.40 -0.74 7.63
N GLN A 335 18.90 -1.82 8.22
CA GLN A 335 19.71 -3.02 8.44
C GLN A 335 20.04 -3.69 7.10
N LEU A 336 19.03 -3.91 6.26
CA LEU A 336 19.26 -4.46 4.92
C LEU A 336 20.27 -3.63 4.15
N VAL A 337 20.16 -2.30 4.23
CA VAL A 337 21.08 -1.40 3.54
C VAL A 337 22.50 -1.62 4.02
N GLU A 338 22.69 -1.77 5.33
CA GLU A 338 24.03 -1.95 5.88
C GLU A 338 24.64 -3.27 5.43
N ARG A 339 23.84 -4.34 5.37
CA ARG A 339 24.38 -5.62 4.91
C ARG A 339 24.81 -5.54 3.46
N LEU A 340 23.96 -4.98 2.60
CA LEU A 340 24.28 -4.91 1.19
C LEU A 340 25.46 -3.99 0.93
N GLN A 341 25.52 -2.85 1.63
CA GLN A 341 26.68 -1.96 1.47
C GLN A 341 27.95 -2.58 2.04
N GLU A 342 27.84 -3.37 3.12
CA GLU A 342 28.99 -4.13 3.58
C GLU A 342 29.43 -5.15 2.54
N GLU A 343 28.48 -5.85 1.93
CA GLU A 343 28.80 -6.83 0.89
C GLU A 343 29.52 -6.16 -0.27
N LYS A 344 29.04 -4.99 -0.68
CA LYS A 344 29.66 -4.24 -1.77
C LYS A 344 31.01 -3.68 -1.36
N ARG A 345 31.21 -3.35 -0.07
CA ARG A 345 32.54 -2.95 0.38
C ARG A 345 33.51 -4.13 0.36
N ILE A 346 33.01 -5.34 0.65
CA ILE A 346 33.83 -6.55 0.49
C ILE A 346 34.13 -6.79 -0.99
N GLU A 347 33.14 -6.56 -1.85
CA GLU A 347 33.37 -6.66 -3.29
C GLU A 347 34.33 -5.57 -3.78
N ALA A 348 34.25 -4.37 -3.20
CA ALA A 348 35.12 -3.28 -3.65
C ALA A 348 36.59 -3.53 -3.30
N GLN A 349 36.86 -4.25 -2.20
CA GLN A 349 38.21 -4.69 -1.90
C GLN A 349 38.67 -5.82 -2.82
N LYS A 350 37.73 -6.56 -3.42
CA LYS A 350 38.06 -7.54 -4.47
C LYS A 350 38.40 -6.81 -5.75
N GLY B 2 -30.11 5.83 6.62
CA GLY B 2 -29.37 5.05 5.64
C GLY B 2 -28.01 5.64 5.36
N SER B 3 -27.17 5.75 6.40
CA SER B 3 -25.80 6.21 6.22
C SER B 3 -24.97 5.22 5.42
N LYS B 4 -25.15 3.92 5.69
CA LYS B 4 -24.43 2.89 4.94
C LYS B 4 -24.86 2.84 3.48
N LYS B 5 -26.13 3.11 3.19
CA LYS B 5 -26.56 3.15 1.78
C LYS B 5 -26.11 4.44 1.09
N HIS B 6 -26.28 5.59 1.77
CA HIS B 6 -26.06 6.88 1.11
C HIS B 6 -24.58 7.12 0.80
N THR B 7 -23.68 6.68 1.69
CA THR B 7 -22.25 6.94 1.53
C THR B 7 -21.36 5.69 1.50
N GLY B 8 -21.89 4.52 1.86
CA GLY B 8 -21.03 3.36 2.04
C GLY B 8 -20.31 3.30 3.37
N TYR B 9 -20.47 4.30 4.22
CA TYR B 9 -19.80 4.35 5.50
C TYR B 9 -20.84 4.46 6.60
N VAL B 10 -20.52 3.93 7.77
CA VAL B 10 -21.50 3.86 8.85
C VAL B 10 -21.02 4.72 10.02
N GLY B 11 -21.98 5.25 10.76
CA GLY B 11 -21.69 6.14 11.85
C GLY B 11 -21.34 5.44 13.15
N LEU B 12 -21.13 6.26 14.17
CA LEU B 12 -20.91 5.81 15.54
C LEU B 12 -22.05 6.32 16.42
N LYS B 13 -22.41 5.54 17.42
CA LYS B 13 -23.55 5.92 18.26
C LYS B 13 -23.23 7.16 19.10
N ASN B 14 -24.21 8.06 19.20
CA ASN B 14 -24.13 9.18 20.14
C ASN B 14 -24.59 8.64 21.49
N GLN B 15 -23.68 7.99 22.19
CA GLN B 15 -24.04 7.26 23.41
C GLN B 15 -23.82 8.05 24.69
N GLY B 16 -23.03 9.11 24.65
CA GLY B 16 -22.72 9.83 25.86
C GLY B 16 -21.88 11.04 25.54
N ALA B 17 -21.42 11.71 26.60
CA ALA B 17 -20.67 12.96 26.50
C ALA B 17 -19.20 12.67 26.26
N THR B 18 -18.90 12.16 25.07
CA THR B 18 -17.56 11.71 24.73
C THR B 18 -16.82 12.67 23.80
N CYS B 19 -17.46 13.79 23.42
CA CYS B 19 -16.83 14.94 22.77
C CYS B 19 -16.12 14.59 21.47
N TYR B 20 -14.78 14.66 21.48
CA TYR B 20 -13.96 14.42 20.31
C TYR B 20 -13.79 12.95 19.96
N MET B 21 -14.28 12.04 20.81
CA MET B 21 -13.97 10.61 20.65
C MET B 21 -14.44 10.06 19.30
N ASN B 22 -15.72 10.30 18.94
CA ASN B 22 -16.23 9.69 17.72
C ASN B 22 -15.52 10.25 16.50
N SER B 23 -15.26 11.57 16.51
CA SER B 23 -14.44 12.17 15.46
C SER B 23 -13.08 11.50 15.38
N LEU B 24 -12.47 11.21 16.52
CA LEU B 24 -11.13 10.63 16.53
C LEU B 24 -11.17 9.17 16.11
N LEU B 25 -12.22 8.45 16.51
CA LEU B 25 -12.30 7.04 16.13
C LEU B 25 -12.43 6.88 14.63
N GLN B 26 -13.26 7.71 13.99
CA GLN B 26 -13.40 7.66 12.54
C GLN B 26 -12.10 8.01 11.83
N THR B 27 -11.33 8.98 12.37
CA THR B 27 -10.07 9.38 11.75
C THR B 27 -9.06 8.23 11.76
N LEU B 28 -8.95 7.52 12.89
CA LEU B 28 -8.06 6.36 12.99
C LEU B 28 -8.58 5.18 12.17
N PHE B 29 -9.90 4.97 12.13
CA PHE B 29 -10.46 3.86 11.37
C PHE B 29 -10.07 3.96 9.89
N PHE B 30 -10.15 5.17 9.32
CA PHE B 30 -9.82 5.39 7.92
C PHE B 30 -8.33 5.64 7.68
N THR B 31 -7.50 5.39 8.71
CA THR B 31 -6.06 5.25 8.54
C THR B 31 -5.82 3.78 8.32
N ASN B 32 -5.94 3.35 7.05
CA ASN B 32 -6.16 1.94 6.74
C ASN B 32 -4.99 1.07 7.17
N GLN B 33 -3.76 1.58 7.01
CA GLN B 33 -2.60 0.82 7.45
C GLN B 33 -2.59 0.60 8.95
N LEU B 34 -3.03 1.58 9.74
CA LEU B 34 -3.23 1.34 11.17
C LEU B 34 -4.30 0.29 11.42
N ARG B 35 -5.40 0.36 10.70
CA ARG B 35 -6.53 -0.54 10.93
C ARG B 35 -6.17 -1.99 10.61
N LYS B 36 -5.44 -2.22 9.52
CA LYS B 36 -4.95 -3.57 9.23
C LYS B 36 -4.03 -4.07 10.33
N ALA B 37 -3.15 -3.20 10.85
CA ALA B 37 -2.25 -3.65 11.92
C ALA B 37 -3.00 -3.85 13.22
N VAL B 38 -4.07 -3.08 13.45
CA VAL B 38 -4.88 -3.29 14.64
C VAL B 38 -5.62 -4.62 14.56
N TYR B 39 -6.11 -5.00 13.36
CA TYR B 39 -6.73 -6.31 13.19
C TYR B 39 -5.75 -7.44 13.43
N MET B 40 -4.48 -7.27 13.10
CA MET B 40 -3.51 -8.35 13.24
C MET B 40 -3.01 -8.53 14.67
N MET B 41 -3.60 -7.85 15.68
CA MET B 41 -3.06 -7.93 17.02
C MET B 41 -3.44 -9.25 17.69
N PRO B 42 -2.58 -9.75 18.60
CA PRO B 42 -2.87 -11.04 19.29
C PRO B 42 -3.73 -10.91 20.54
N THR B 43 -5.03 -10.72 20.35
CA THR B 43 -5.96 -10.51 21.44
C THR B 43 -6.80 -11.75 21.74
N GLU B 44 -6.23 -12.94 21.54
CA GLU B 44 -7.01 -14.15 21.77
C GLU B 44 -7.27 -14.38 23.26
N GLY B 45 -6.30 -14.07 24.13
CA GLY B 45 -6.39 -14.39 25.54
C GLY B 45 -6.67 -13.24 26.47
N ASP B 46 -6.96 -12.03 25.97
CA ASP B 46 -7.25 -10.87 26.80
C ASP B 46 -8.67 -10.94 27.36
N ASP B 47 -8.91 -10.17 28.42
CA ASP B 47 -10.26 -10.07 28.97
C ASP B 47 -11.14 -9.28 28.03
N SER B 48 -12.34 -9.80 27.77
CA SER B 48 -13.25 -9.29 26.75
C SER B 48 -13.73 -7.87 27.04
N SER B 49 -13.52 -7.37 28.26
CA SER B 49 -13.96 -6.06 28.68
C SER B 49 -12.83 -5.14 29.07
N LYS B 50 -11.76 -5.66 29.68
CA LYS B 50 -10.66 -4.81 30.12
C LYS B 50 -9.65 -4.49 29.02
N SER B 51 -9.64 -5.23 27.92
CA SER B 51 -8.60 -5.07 26.89
C SER B 51 -8.92 -3.87 26.01
N VAL B 52 -8.06 -2.85 26.08
CA VAL B 52 -8.10 -1.78 25.09
C VAL B 52 -7.79 -2.26 23.67
N PRO B 53 -6.75 -3.08 23.41
CA PRO B 53 -6.52 -3.49 22.01
C PRO B 53 -7.64 -4.30 21.39
N LEU B 54 -8.33 -5.13 22.17
CA LEU B 54 -9.48 -5.86 21.64
C LEU B 54 -10.65 -4.92 21.36
N ALA B 55 -10.91 -3.97 22.28
CA ALA B 55 -12.07 -3.09 22.13
C ALA B 55 -11.91 -2.15 20.94
N LEU B 56 -10.68 -1.82 20.56
CA LEU B 56 -10.47 -1.06 19.33
C LEU B 56 -10.64 -1.94 18.08
N GLN B 57 -10.23 -3.20 18.17
CA GLN B 57 -10.52 -4.16 17.11
C GLN B 57 -12.03 -4.29 16.89
N ARG B 58 -12.80 -4.38 17.98
CA ARG B 58 -14.26 -4.50 17.88
C ARG B 58 -14.85 -3.31 17.15
N VAL B 59 -14.45 -2.10 17.54
CA VAL B 59 -14.98 -0.90 16.92
C VAL B 59 -14.63 -0.84 15.44
N PHE B 60 -13.38 -1.13 15.10
CA PHE B 60 -12.98 -1.11 13.70
C PHE B 60 -13.75 -2.15 12.89
N TYR B 61 -13.91 -3.37 13.45
CA TYR B 61 -14.64 -4.41 12.73
C TYR B 61 -16.09 -4.01 12.50
N GLU B 62 -16.73 -3.49 13.55
CA GLU B 62 -18.12 -3.08 13.43
C GLU B 62 -18.25 -1.92 12.45
N LEU B 63 -17.33 -0.94 12.52
CA LEU B 63 -17.34 0.14 11.54
C LEU B 63 -17.20 -0.38 10.12
N GLN B 64 -16.44 -1.46 9.95
CA GLN B 64 -16.24 -2.00 8.61
C GLN B 64 -17.44 -2.81 8.10
N HIS B 65 -18.22 -3.46 8.98
CA HIS B 65 -19.27 -4.38 8.53
C HIS B 65 -20.70 -3.98 8.88
N SER B 66 -20.92 -3.24 9.96
CA SER B 66 -22.29 -2.96 10.41
C SER B 66 -22.98 -2.00 9.46
N ASP B 67 -24.27 -2.24 9.19
CA ASP B 67 -25.08 -1.27 8.46
C ASP B 67 -25.84 -0.36 9.40
N LYS B 68 -25.65 -0.53 10.69
CA LYS B 68 -26.28 0.25 11.75
C LYS B 68 -25.21 1.03 12.50
N PRO B 69 -25.58 2.10 13.20
CA PRO B 69 -24.58 2.84 14.00
C PRO B 69 -23.92 1.95 15.05
N VAL B 70 -22.64 2.18 15.27
CA VAL B 70 -21.78 1.32 16.06
C VAL B 70 -21.64 1.88 17.48
N GLY B 71 -21.75 0.99 18.50
CA GLY B 71 -21.54 1.39 19.87
C GLY B 71 -20.06 1.43 20.31
N THR B 72 -19.80 2.15 21.40
CA THR B 72 -18.43 2.33 21.91
C THR B 72 -18.29 2.07 23.40
N LYS B 73 -19.33 1.58 24.07
CA LYS B 73 -19.32 1.45 25.52
C LYS B 73 -18.22 0.50 25.99
N LYS B 74 -17.98 -0.56 25.23
CA LYS B 74 -16.90 -1.49 25.58
C LYS B 74 -15.54 -0.78 25.53
N LEU B 75 -15.34 0.09 24.55
CA LEU B 75 -14.05 0.76 24.42
C LEU B 75 -13.82 1.76 25.55
N THR B 76 -14.85 2.55 25.89
CA THR B 76 -14.71 3.56 26.94
C THR B 76 -14.47 2.91 28.30
N LYS B 77 -15.17 1.82 28.59
CA LYS B 77 -14.91 1.11 29.85
C LYS B 77 -13.50 0.53 29.88
N SER B 78 -12.93 0.20 28.71
CA SER B 78 -11.64 -0.46 28.70
C SER B 78 -10.51 0.48 29.11
N PHE B 79 -10.52 1.74 28.64
CA PHE B 79 -9.49 2.69 29.08
C PHE B 79 -9.96 3.66 30.17
N GLY B 80 -11.19 3.51 30.67
CA GLY B 80 -11.57 4.11 31.93
C GLY B 80 -12.31 5.42 31.86
N TRP B 81 -12.39 6.06 30.69
CA TRP B 81 -13.05 7.36 30.57
C TRP B 81 -14.55 7.10 30.44
N GLU B 82 -15.20 6.95 31.59
CA GLU B 82 -16.62 6.64 31.66
C GLU B 82 -17.44 7.82 32.16
N THR B 83 -16.85 9.01 32.23
CA THR B 83 -17.56 10.17 32.73
C THR B 83 -17.22 11.37 31.85
N LEU B 84 -18.10 12.38 31.92
CA LEU B 84 -17.91 13.61 31.16
C LEU B 84 -16.61 14.30 31.55
N ASP B 85 -16.24 14.20 32.83
CA ASP B 85 -15.05 14.89 33.34
C ASP B 85 -13.77 14.39 32.67
N SER B 86 -13.69 13.09 32.37
CA SER B 86 -12.48 12.56 31.76
C SER B 86 -12.23 13.18 30.39
N PHE B 87 -13.30 13.49 29.65
CA PHE B 87 -13.11 14.12 28.34
C PHE B 87 -12.91 15.63 28.46
N MET B 88 -13.57 16.26 29.44
CA MET B 88 -13.33 17.68 29.69
C MET B 88 -11.91 17.92 30.20
N GLN B 89 -11.42 17.04 31.08
CA GLN B 89 -10.09 17.18 31.64
C GLN B 89 -8.99 16.77 30.67
N HIS B 90 -9.34 16.31 29.47
CA HIS B 90 -8.35 15.92 28.49
C HIS B 90 -8.65 16.59 27.15
N ASP B 91 -7.76 16.38 26.21
CA ASP B 91 -7.90 16.88 24.86
C ASP B 91 -7.70 15.72 23.90
N VAL B 92 -7.84 16.01 22.60
CA VAL B 92 -7.93 14.94 21.60
C VAL B 92 -6.59 14.25 21.40
N GLN B 93 -5.48 15.00 21.46
CA GLN B 93 -4.19 14.34 21.27
C GLN B 93 -3.83 13.47 22.47
N GLU B 94 -4.39 13.75 23.64
CA GLU B 94 -4.22 12.88 24.79
C GLU B 94 -4.97 11.57 24.61
N LEU B 95 -6.24 11.65 24.17
CA LEU B 95 -6.99 10.44 23.89
C LEU B 95 -6.30 9.60 22.81
N CYS B 96 -5.85 10.25 21.73
CA CYS B 96 -5.13 9.55 20.67
C CYS B 96 -3.88 8.87 21.22
N ARG B 97 -3.14 9.57 22.10
CA ARG B 97 -1.96 8.98 22.72
C ARG B 97 -2.33 7.79 23.60
N VAL B 98 -3.46 7.86 24.30
CA VAL B 98 -3.91 6.73 25.12
C VAL B 98 -4.21 5.52 24.25
N LEU B 99 -4.95 5.72 23.16
CA LEU B 99 -5.28 4.62 22.27
C LEU B 99 -4.04 4.05 21.57
N LEU B 100 -3.18 4.92 21.06
CA LEU B 100 -2.05 4.39 20.29
C LEU B 100 -0.96 3.78 21.17
N ASP B 101 -0.83 4.22 22.43
CA ASP B 101 0.17 3.60 23.30
C ASP B 101 -0.22 2.17 23.64
N ASN B 102 -1.50 1.94 24.00
CA ASN B 102 -1.98 0.58 24.24
C ASN B 102 -1.78 -0.30 23.02
N VAL B 103 -2.09 0.26 21.85
CA VAL B 103 -1.97 -0.45 20.59
C VAL B 103 -0.50 -0.73 20.28
N GLU B 104 0.36 0.29 20.34
CA GLU B 104 1.79 0.06 20.04
C GLU B 104 2.40 -0.90 21.05
N ASN B 105 1.92 -0.87 22.30
CA ASN B 105 2.38 -1.79 23.32
C ASN B 105 2.00 -3.23 22.99
N LYS B 106 0.74 -3.45 22.59
CA LYS B 106 0.31 -4.80 22.25
C LYS B 106 0.94 -5.30 20.97
N MET B 107 1.35 -4.40 20.08
CA MET B 107 2.09 -4.82 18.90
C MET B 107 3.55 -5.16 19.18
N LYS B 108 4.10 -4.79 20.34
CA LYS B 108 5.49 -5.15 20.65
C LYS B 108 5.61 -6.67 20.72
N GLY B 109 6.53 -7.23 19.93
CA GLY B 109 6.76 -8.66 19.89
C GLY B 109 6.08 -9.39 18.76
N THR B 110 5.42 -8.69 17.84
CA THR B 110 4.57 -9.27 16.81
C THR B 110 5.09 -8.91 15.42
N CYS B 111 4.38 -9.41 14.40
CA CYS B 111 4.72 -9.09 13.01
C CYS B 111 4.50 -7.60 12.70
N VAL B 112 3.55 -6.95 13.35
CA VAL B 112 3.24 -5.53 13.09
C VAL B 112 3.93 -4.60 14.06
N GLU B 113 4.92 -5.08 14.82
CA GLU B 113 5.65 -4.27 15.78
C GLU B 113 6.28 -3.05 15.11
N GLY B 114 5.99 -1.88 15.66
CA GLY B 114 6.52 -0.64 15.14
C GLY B 114 5.63 0.05 14.13
N THR B 115 4.38 -0.40 13.99
CA THR B 115 3.47 0.24 13.04
C THR B 115 3.15 1.68 13.44
N ILE B 116 2.91 1.90 14.74
CA ILE B 116 2.56 3.23 15.21
C ILE B 116 3.67 4.26 14.98
N PRO B 117 4.93 4.03 15.39
CA PRO B 117 5.93 5.07 15.15
C PRO B 117 6.27 5.27 13.67
N LYS B 118 6.10 4.25 12.82
CA LYS B 118 6.38 4.47 11.42
C LYS B 118 5.31 5.34 10.77
N LEU B 119 4.08 5.33 11.29
CA LEU B 119 2.98 6.11 10.75
C LEU B 119 2.91 7.53 11.31
N PHE B 120 3.10 7.69 12.62
CA PHE B 120 2.78 8.97 13.28
C PHE B 120 3.97 9.68 13.90
N ARG B 121 5.17 9.10 13.91
CA ARG B 121 6.27 9.68 14.64
C ARG B 121 7.23 10.36 13.67
N GLY B 122 7.52 11.63 13.94
CA GLY B 122 8.54 12.36 13.22
C GLY B 122 9.64 12.77 14.19
N LYS B 123 10.71 13.34 13.64
CA LYS B 123 11.88 13.76 14.39
C LYS B 123 12.11 15.25 14.20
N MET B 124 12.30 15.97 15.31
CA MET B 124 12.78 17.34 15.26
C MET B 124 14.04 17.47 16.13
N VAL B 125 14.77 18.55 15.89
CA VAL B 125 15.96 18.91 16.67
C VAL B 125 15.62 20.16 17.47
N SER B 126 15.92 20.12 18.76
CA SER B 126 15.74 21.27 19.65
C SER B 126 17.12 21.77 20.03
N TYR B 127 17.38 23.07 19.81
CA TYR B 127 18.70 23.65 20.00
C TYR B 127 18.64 24.83 20.96
N ILE B 128 19.73 25.03 21.69
CA ILE B 128 19.97 26.23 22.50
C ILE B 128 21.35 26.74 22.15
N GLN B 129 21.41 27.96 21.59
CA GLN B 129 22.64 28.58 21.12
C GLN B 129 22.94 29.84 21.93
N CYS B 130 24.14 29.91 22.52
CA CYS B 130 24.52 31.09 23.28
C CYS B 130 24.92 32.22 22.34
N LYS B 131 24.37 33.40 22.60
CA LYS B 131 24.70 34.58 21.80
C LYS B 131 26.16 34.98 21.98
N GLU B 132 26.67 34.93 23.22
CA GLU B 132 27.99 35.46 23.56
C GLU B 132 29.11 34.42 23.51
N VAL B 133 29.01 33.38 24.34
CA VAL B 133 30.05 32.37 24.40
C VAL B 133 29.82 31.36 23.28
N ASP B 134 30.79 30.48 23.05
CA ASP B 134 30.66 29.47 22.01
C ASP B 134 30.19 28.14 22.62
N TYR B 135 28.92 28.10 23.00
CA TYR B 135 28.29 26.86 23.39
C TYR B 135 27.01 26.70 22.60
N ARG B 136 26.67 25.44 22.28
CA ARG B 136 25.43 25.10 21.61
C ARG B 136 25.10 23.64 21.90
N SER B 137 23.85 23.38 22.25
CA SER B 137 23.38 22.04 22.54
C SER B 137 22.26 21.67 21.58
N ASP B 138 22.48 20.61 20.79
CA ASP B 138 21.48 20.07 19.89
C ASP B 138 20.95 18.77 20.48
N ARG B 139 19.63 18.64 20.55
CA ARG B 139 18.98 17.46 21.08
C ARG B 139 17.90 17.02 20.11
N ARG B 140 17.83 15.72 19.86
CA ARG B 140 16.70 15.17 19.11
C ARG B 140 15.47 15.10 20.01
N GLU B 141 14.33 15.49 19.44
CA GLU B 141 13.03 15.28 20.09
C GLU B 141 12.11 14.55 19.11
N ASP B 142 11.36 13.58 19.63
CA ASP B 142 10.38 12.86 18.85
C ASP B 142 8.99 13.40 19.13
N TYR B 143 8.12 13.31 18.14
CA TYR B 143 6.77 13.82 18.29
C TYR B 143 5.84 12.92 17.51
N TYR B 144 4.62 12.75 18.03
CA TYR B 144 3.55 12.05 17.34
C TYR B 144 2.46 12.99 16.88
N ASP B 145 2.52 14.25 17.30
CA ASP B 145 1.56 15.25 16.86
C ASP B 145 2.21 16.61 17.05
N ILE B 146 1.63 17.60 16.40
CA ILE B 146 2.12 18.96 16.43
C ILE B 146 0.96 19.83 16.89
N GLN B 147 1.17 20.57 17.96
CA GLN B 147 0.19 21.54 18.44
C GLN B 147 0.56 22.89 17.84
N LEU B 148 -0.41 23.54 17.18
CA LEU B 148 -0.17 24.74 16.39
C LEU B 148 -0.92 25.93 16.95
N SER B 149 -0.22 27.04 17.15
CA SER B 149 -0.83 28.27 17.63
C SER B 149 -1.58 28.97 16.51
N ILE B 150 -2.80 29.42 16.80
CA ILE B 150 -3.62 30.09 15.80
C ILE B 150 -3.95 31.54 16.13
N LYS B 151 -3.79 31.98 17.38
CA LYS B 151 -4.08 33.37 17.73
C LYS B 151 -3.06 34.28 17.08
N GLY B 152 -3.53 35.19 16.23
CA GLY B 152 -2.66 36.10 15.52
C GLY B 152 -2.07 35.54 14.24
N LYS B 153 -2.46 34.34 13.82
CA LYS B 153 -1.96 33.76 12.59
C LYS B 153 -3.12 33.50 11.64
N LYS B 154 -2.96 33.95 10.39
CA LYS B 154 -4.04 33.82 9.42
C LYS B 154 -4.12 32.42 8.84
N ASN B 155 -3.01 31.68 8.78
CA ASN B 155 -3.08 30.36 8.17
C ASN B 155 -1.99 29.45 8.73
N ILE B 156 -1.97 28.23 8.21
CA ILE B 156 -1.09 27.19 8.73
C ILE B 156 0.38 27.54 8.51
N PHE B 157 0.69 28.16 7.37
CA PHE B 157 2.07 28.50 7.07
C PHE B 157 2.61 29.47 8.12
N GLU B 158 1.80 30.45 8.52
CA GLU B 158 2.19 31.33 9.62
C GLU B 158 2.34 30.57 10.92
N SER B 159 1.50 29.57 11.16
CA SER B 159 1.68 28.76 12.36
C SER B 159 3.00 28.02 12.33
N PHE B 160 3.33 27.38 11.21
CA PHE B 160 4.61 26.69 11.14
C PHE B 160 5.77 27.66 11.27
N VAL B 161 5.61 28.89 10.75
CA VAL B 161 6.65 29.92 10.88
C VAL B 161 6.84 30.29 12.34
N ASP B 162 5.74 30.54 13.06
CA ASP B 162 5.81 30.78 14.49
C ASP B 162 6.46 29.62 15.23
N TYR B 163 6.20 28.39 14.79
CA TYR B 163 6.59 27.21 15.56
C TYR B 163 8.10 26.99 15.56
N VAL B 164 8.77 27.34 14.46
CA VAL B 164 10.22 27.14 14.37
C VAL B 164 10.98 28.42 14.65
N ALA B 165 10.29 29.49 15.04
CA ALA B 165 10.94 30.77 15.25
C ALA B 165 11.80 30.75 16.50
N VAL B 166 12.74 31.67 16.55
CA VAL B 166 13.74 31.72 17.61
C VAL B 166 13.17 32.45 18.82
N GLU B 167 13.32 31.84 20.00
CA GLU B 167 12.96 32.45 21.28
C GLU B 167 14.24 32.87 22.02
N GLN B 168 14.28 34.13 22.47
CA GLN B 168 15.47 34.69 23.11
C GLN B 168 15.45 34.39 24.61
N LEU B 169 16.52 33.80 25.12
CA LEU B 169 16.67 33.57 26.56
C LEU B 169 17.61 34.63 27.13
N ASP B 170 17.06 35.59 27.89
CA ASP B 170 17.87 36.66 28.49
C ASP B 170 17.25 37.11 29.80
N GLY B 171 17.93 38.05 30.46
CA GLY B 171 17.44 38.68 31.68
C GLY B 171 17.37 37.71 32.84
N ASP B 172 16.18 37.59 33.43
CA ASP B 172 15.91 36.62 34.49
C ASP B 172 15.62 35.23 33.94
N ASN B 173 15.68 35.04 32.63
CA ASN B 173 15.56 33.75 31.98
C ASN B 173 16.76 33.48 31.06
N LYS B 174 17.96 33.80 31.55
CA LYS B 174 19.17 33.44 30.84
C LYS B 174 19.37 31.93 30.90
N TYR B 175 20.28 31.43 30.07
CA TYR B 175 20.51 30.01 29.94
C TYR B 175 21.70 29.59 30.79
N ASP B 176 21.52 28.53 31.59
CA ASP B 176 22.64 27.90 32.29
C ASP B 176 23.50 27.19 31.26
N ALA B 177 24.61 27.82 30.89
CA ALA B 177 25.56 27.25 29.95
C ALA B 177 26.68 26.48 30.62
N GLY B 178 26.51 26.13 31.89
CA GLY B 178 27.40 25.19 32.54
C GLY B 178 28.75 25.77 32.85
N GLU B 179 29.76 25.35 32.09
CA GLU B 179 31.11 25.89 32.25
C GLU B 179 31.14 27.40 32.00
N HIS B 180 30.26 27.90 31.14
CA HIS B 180 30.26 29.31 30.75
C HIS B 180 29.36 30.18 31.62
N GLY B 181 28.77 29.60 32.67
CA GLY B 181 27.87 30.35 33.51
C GLY B 181 26.57 30.72 32.81
N LEU B 182 25.87 31.68 33.42
CA LEU B 182 24.64 32.19 32.83
C LEU B 182 24.93 32.97 31.55
N GLN B 183 24.15 32.70 30.51
CA GLN B 183 24.39 33.29 29.20
C GLN B 183 23.07 33.66 28.53
N GLU B 184 23.11 34.75 27.77
CA GLU B 184 22.02 35.07 26.85
C GLU B 184 22.04 34.06 25.71
N ALA B 185 20.86 33.63 25.27
CA ALA B 185 20.86 32.53 24.33
C ALA B 185 19.57 32.55 23.52
N GLU B 186 19.61 31.81 22.41
CA GLU B 186 18.47 31.66 21.50
C GLU B 186 18.05 30.19 21.40
N LYS B 187 16.76 29.94 21.60
CA LYS B 187 16.18 28.60 21.61
C LYS B 187 15.19 28.45 20.47
N GLY B 188 15.18 27.28 19.83
CA GLY B 188 14.20 27.01 18.81
C GLY B 188 14.18 25.53 18.47
N VAL B 189 13.29 25.17 17.56
CA VAL B 189 13.28 23.82 16.98
C VAL B 189 13.33 23.93 15.47
N LYS B 190 13.91 22.91 14.85
CA LYS B 190 13.76 22.70 13.41
C LYS B 190 13.35 21.24 13.18
N PHE B 191 12.54 21.02 12.15
CA PHE B 191 12.11 19.67 11.81
C PHE B 191 13.21 18.94 11.04
N LEU B 192 13.51 17.73 11.48
CA LEU B 192 14.31 16.81 10.68
C LEU B 192 13.44 15.93 9.80
N THR B 193 12.32 15.42 10.32
CA THR B 193 11.45 14.55 9.54
C THR B 193 9.98 14.87 9.83
N LEU B 194 9.13 14.55 8.86
CA LEU B 194 7.69 14.66 9.02
C LEU B 194 7.07 13.30 8.70
N PRO B 195 6.21 12.77 9.56
CA PRO B 195 5.78 11.37 9.41
C PRO B 195 4.75 11.23 8.29
N PRO B 196 4.47 10.00 7.83
CA PRO B 196 3.48 9.87 6.74
C PRO B 196 2.08 10.31 7.10
N VAL B 197 1.70 10.21 8.37
CA VAL B 197 0.41 10.67 8.87
C VAL B 197 0.67 11.78 9.89
N LEU B 198 0.19 12.98 9.57
CA LEU B 198 0.55 14.20 10.30
C LEU B 198 -0.68 14.66 11.06
N HIS B 199 -0.61 14.58 12.37
CA HIS B 199 -1.70 15.02 13.23
C HIS B 199 -1.41 16.45 13.67
N LEU B 200 -2.21 17.41 13.21
CA LEU B 200 -2.05 18.82 13.53
C LEU B 200 -3.22 19.28 14.40
N GLN B 201 -2.97 19.56 15.68
CA GLN B 201 -3.96 20.18 16.54
C GLN B 201 -3.80 21.68 16.48
N LEU B 202 -4.92 22.40 16.32
CA LEU B 202 -4.93 23.85 16.27
C LEU B 202 -5.42 24.37 17.61
N MET B 203 -4.60 25.19 18.27
CA MET B 203 -4.86 25.60 19.65
C MET B 203 -5.97 26.67 19.67
N ARG B 204 -7.19 26.24 19.39
CA ARG B 204 -8.33 27.10 19.63
C ARG B 204 -8.76 27.11 21.09
N PHE B 205 -8.36 26.10 21.87
CA PHE B 205 -8.75 25.98 23.27
C PHE B 205 -7.54 26.23 24.16
N MET B 206 -7.62 27.26 24.99
CA MET B 206 -6.61 27.51 26.00
C MET B 206 -7.26 28.24 27.15
N TYR B 207 -6.46 28.51 28.19
CA TYR B 207 -6.93 29.16 29.40
C TYR B 207 -6.38 30.58 29.44
N ASP B 208 -7.15 31.49 30.03
CA ASP B 208 -6.71 32.86 30.19
C ASP B 208 -6.16 33.04 31.60
N THR B 211 -7.80 34.94 33.41
CA THR B 211 -9.02 35.16 34.17
C THR B 211 -9.55 33.87 34.79
N ASP B 212 -8.75 32.80 34.72
CA ASP B 212 -9.13 31.46 35.18
C ASP B 212 -10.43 30.99 34.51
N GLN B 213 -10.51 31.21 33.20
CA GLN B 213 -11.61 30.69 32.37
C GLN B 213 -10.98 30.18 31.09
N ASN B 214 -11.01 28.85 30.90
CA ASN B 214 -10.49 28.29 29.66
C ASN B 214 -11.41 28.64 28.50
N ILE B 215 -10.81 29.17 27.42
CA ILE B 215 -11.55 29.89 26.39
C ILE B 215 -11.37 29.20 25.04
N LYS B 216 -12.31 29.48 24.14
CA LYS B 216 -12.25 28.98 22.76
C LYS B 216 -12.07 30.16 21.82
N ILE B 217 -11.03 30.10 20.99
CA ILE B 217 -10.77 31.11 19.96
C ILE B 217 -11.51 30.72 18.70
N ASN B 218 -12.41 31.58 18.24
CA ASN B 218 -13.19 31.36 17.02
C ASN B 218 -12.67 32.18 15.84
N ASP B 219 -11.45 32.70 15.92
CA ASP B 219 -10.90 33.54 14.86
C ASP B 219 -10.69 32.75 13.57
N ARG B 220 -10.74 33.48 12.45
CA ARG B 220 -10.51 32.89 11.13
C ARG B 220 -9.09 32.34 11.02
N PHE B 221 -8.98 31.11 10.51
CA PHE B 221 -7.68 30.44 10.37
C PHE B 221 -7.76 29.51 9.17
N GLU B 222 -7.04 29.83 8.12
CA GLU B 222 -7.13 29.08 6.88
C GLU B 222 -6.11 27.95 6.86
N PHE B 223 -6.46 26.87 6.18
CA PHE B 223 -5.56 25.74 6.02
C PHE B 223 -5.85 25.20 4.62
N PRO B 224 -4.85 24.69 3.92
CA PRO B 224 -5.09 24.27 2.53
C PRO B 224 -5.38 22.78 2.39
N GLU B 225 -5.99 22.42 1.25
CA GLU B 225 -6.10 21.01 0.86
C GLU B 225 -4.71 20.41 0.63
N GLN B 226 -3.79 21.21 0.11
CA GLN B 226 -2.44 20.76 -0.21
C GLN B 226 -1.44 21.59 0.57
N LEU B 227 -0.65 20.92 1.40
CA LEU B 227 0.28 21.59 2.30
C LEU B 227 1.72 21.25 1.91
N PRO B 228 2.48 22.18 1.31
CA PRO B 228 3.93 21.98 1.11
C PRO B 228 4.70 22.35 2.37
N LEU B 229 5.48 21.39 2.90
CA LEU B 229 6.22 21.60 4.15
C LEU B 229 7.73 21.50 3.96
N ASP B 230 8.21 21.38 2.71
CA ASP B 230 9.64 21.20 2.45
C ASP B 230 10.48 22.32 3.05
N GLU B 231 9.96 23.55 3.11
CA GLU B 231 10.79 24.64 3.63
C GLU B 231 10.85 24.68 5.14
N PHE B 232 10.18 23.78 5.86
CA PHE B 232 10.36 23.70 7.30
C PHE B 232 11.28 22.55 7.72
N LEU B 233 11.88 21.86 6.75
CA LEU B 233 12.80 20.77 7.03
C LEU B 233 14.22 21.31 7.11
N GLN B 234 15.02 20.72 8.00
CA GLN B 234 16.44 21.08 8.07
C GLN B 234 17.16 20.79 6.76
N LYS B 235 16.73 19.77 6.03
CA LYS B 235 17.24 19.44 4.70
C LYS B 235 16.19 18.62 3.96
N THR B 236 16.11 18.81 2.64
CA THR B 236 15.07 18.21 1.82
C THR B 236 15.61 17.09 0.94
N ASP B 237 14.69 16.25 0.48
CA ASP B 237 14.99 15.15 -0.45
C ASP B 237 14.23 15.40 -1.74
N PRO B 238 14.92 15.71 -2.84
CA PRO B 238 14.21 15.93 -4.12
C PRO B 238 13.43 14.73 -4.62
N LYS B 239 13.81 13.50 -4.21
CA LYS B 239 13.02 12.33 -4.55
C LYS B 239 11.68 12.32 -3.82
N ASP B 240 11.64 12.84 -2.58
CA ASP B 240 10.45 12.80 -1.74
C ASP B 240 10.24 14.15 -1.03
N PRO B 241 9.64 15.13 -1.71
CA PRO B 241 9.33 16.40 -1.06
C PRO B 241 8.24 16.23 -0.02
N ALA B 242 8.21 17.15 0.93
CA ALA B 242 7.25 17.08 2.04
C ALA B 242 5.91 17.74 1.68
N ASN B 243 5.27 17.19 0.65
CA ASN B 243 3.94 17.59 0.22
C ASN B 243 2.87 16.75 0.91
N TYR B 244 1.88 17.41 1.51
CA TYR B 244 0.88 16.76 2.34
C TYR B 244 -0.52 17.05 1.80
N ILE B 245 -1.41 16.07 1.99
CA ILE B 245 -2.76 16.09 1.46
C ILE B 245 -3.73 16.05 2.62
N LEU B 246 -4.66 17.00 2.64
CA LEU B 246 -5.70 17.02 3.67
C LEU B 246 -6.54 15.73 3.63
N HIS B 247 -6.72 15.10 4.79
CA HIS B 247 -7.51 13.87 4.91
C HIS B 247 -8.71 14.02 5.84
N ALA B 248 -8.54 14.71 6.97
CA ALA B 248 -9.56 14.79 8.01
C ALA B 248 -9.60 16.19 8.61
N VAL B 249 -10.79 16.66 8.92
CA VAL B 249 -10.97 17.97 9.55
C VAL B 249 -11.91 17.76 10.73
N LEU B 250 -11.38 17.82 11.95
CA LEU B 250 -12.18 17.64 13.16
C LEU B 250 -12.69 18.99 13.62
N VAL B 251 -14.00 19.13 13.74
CA VAL B 251 -14.68 20.41 13.82
C VAL B 251 -15.52 20.47 15.08
N HIS B 252 -15.57 21.65 15.71
CA HIS B 252 -16.43 21.90 16.86
C HIS B 252 -17.17 23.22 16.66
N SER B 253 -18.36 23.33 17.26
CA SER B 253 -19.12 24.58 17.29
C SER B 253 -19.58 24.84 18.71
N GLY B 254 -19.68 26.11 19.07
CA GLY B 254 -20.02 26.48 20.42
C GLY B 254 -18.81 26.98 21.20
N GLY B 258 -22.31 22.31 25.93
CA GLY B 258 -20.88 22.12 25.73
C GLY B 258 -20.43 22.38 24.31
N GLY B 259 -20.87 21.53 23.38
CA GLY B 259 -20.59 21.78 21.98
C GLY B 259 -21.07 20.65 21.10
N HIS B 260 -20.93 20.86 19.80
CA HIS B 260 -21.27 19.88 18.77
C HIS B 260 -19.97 19.51 18.06
N TYR B 261 -19.65 18.21 18.02
CA TYR B 261 -18.39 17.72 17.46
C TYR B 261 -18.67 16.91 16.20
N VAL B 262 -18.03 17.30 15.07
CA VAL B 262 -18.14 16.55 13.83
C VAL B 262 -16.74 16.41 13.21
N VAL B 263 -16.59 15.39 12.36
CA VAL B 263 -15.37 15.20 11.58
C VAL B 263 -15.72 15.11 10.10
N TYR B 264 -14.93 15.79 9.27
CA TYR B 264 -15.04 15.74 7.81
C TYR B 264 -13.89 14.92 7.26
N LEU B 265 -14.19 13.98 6.35
CA LEU B 265 -13.16 13.11 5.80
C LEU B 265 -13.36 12.90 4.30
N ASN B 266 -12.24 12.69 3.60
CA ASN B 266 -12.28 12.10 2.27
C ASN B 266 -11.47 10.82 2.40
N PRO B 267 -12.11 9.72 2.82
CA PRO B 267 -11.37 8.50 3.24
C PRO B 267 -10.42 7.95 2.20
N LYS B 268 -10.74 8.07 0.92
CA LYS B 268 -9.89 7.52 -0.13
C LYS B 268 -8.81 8.47 -0.59
N GLY B 269 -8.71 9.66 0.00
CA GLY B 269 -7.76 10.65 -0.47
C GLY B 269 -8.05 11.22 -1.85
N ASP B 270 -9.23 10.97 -2.41
CA ASP B 270 -9.58 11.44 -3.74
C ASP B 270 -10.30 12.78 -3.74
N GLY B 271 -10.36 13.49 -2.62
CA GLY B 271 -11.06 14.76 -2.61
C GLY B 271 -12.57 14.65 -2.60
N LYS B 272 -13.12 13.43 -2.47
CA LYS B 272 -14.55 13.21 -2.33
C LYS B 272 -14.87 13.06 -0.84
N TRP B 273 -15.56 14.05 -0.29
CA TRP B 273 -15.70 14.22 1.15
C TRP B 273 -17.06 13.76 1.68
N CYS B 274 -17.07 13.33 2.95
CA CYS B 274 -18.31 13.11 3.70
C CYS B 274 -18.22 13.79 5.06
N LYS B 275 -19.37 14.20 5.57
CA LYS B 275 -19.50 14.65 6.96
C LYS B 275 -19.95 13.47 7.82
N PHE B 276 -19.18 13.17 8.87
CA PHE B 276 -19.51 12.12 9.85
C PHE B 276 -20.03 12.83 11.10
N ASP B 277 -21.34 12.86 11.27
CA ASP B 277 -21.97 13.46 12.45
C ASP B 277 -22.63 12.33 13.24
N ASP B 278 -21.84 11.67 14.10
CA ASP B 278 -22.24 10.53 14.92
C ASP B 278 -22.92 9.43 14.11
N ASP B 279 -24.23 9.24 14.21
CA ASP B 279 -24.86 8.13 13.49
C ASP B 279 -25.12 8.42 12.02
N VAL B 280 -24.92 9.66 11.59
CA VAL B 280 -25.31 10.14 10.27
C VAL B 280 -24.05 10.43 9.47
N VAL B 281 -23.94 9.81 8.31
CA VAL B 281 -22.88 10.08 7.37
C VAL B 281 -23.54 10.54 6.08
N SER B 282 -23.14 11.69 5.58
CA SER B 282 -23.71 12.25 4.38
C SER B 282 -22.58 12.77 3.52
N ARG B 283 -22.78 12.77 2.21
CA ARG B 283 -21.81 13.37 1.32
C ARG B 283 -21.92 14.90 1.40
N CYS B 284 -20.78 15.57 1.34
CA CYS B 284 -20.73 17.02 1.46
C CYS B 284 -19.81 17.56 0.38
N THR B 285 -19.93 18.85 0.12
CA THR B 285 -19.00 19.47 -0.79
C THR B 285 -17.62 19.60 -0.14
N LYS B 286 -16.62 19.85 -0.98
CA LYS B 286 -15.26 20.09 -0.46
C LYS B 286 -15.20 21.41 0.29
N GLU B 287 -16.01 22.37 -0.13
CA GLU B 287 -16.03 23.68 0.54
C GLU B 287 -16.57 23.56 1.96
N GLU B 288 -17.62 22.76 2.16
CA GLU B 288 -18.12 22.50 3.50
C GLU B 288 -17.05 21.86 4.39
N ALA B 289 -16.20 21.02 3.79
CA ALA B 289 -15.15 20.36 4.55
C ALA B 289 -13.99 21.27 4.84
N ILE B 290 -13.63 22.18 3.94
CA ILE B 290 -12.40 22.92 4.12
C ILE B 290 -12.68 24.38 4.47
N GLU B 291 -13.18 25.15 3.51
CA GLU B 291 -13.26 26.59 3.70
C GLU B 291 -14.32 26.99 4.72
N HIS B 292 -15.41 26.21 4.83
CA HIS B 292 -16.47 26.56 5.78
C HIS B 292 -16.06 26.29 7.23
N ASN B 293 -14.88 25.71 7.47
CA ASN B 293 -14.36 25.50 8.81
C ASN B 293 -13.15 26.37 9.11
N TYR B 294 -12.94 27.43 8.33
CA TYR B 294 -11.88 28.40 8.60
C TYR B 294 -12.20 29.22 9.84
N GLY B 295 -13.46 29.25 10.28
CA GLY B 295 -13.86 30.09 11.40
C GLY B 295 -14.08 31.53 10.98
N GLY B 296 -14.27 32.39 12.00
CA GLY B 296 -14.40 33.82 11.81
C GLY B 296 -15.66 34.37 12.46
N HIS B 297 -15.85 35.68 12.28
CA HIS B 297 -17.03 36.38 12.81
C HIS B 297 -17.63 37.34 11.77
N CYS B 306 -20.10 28.85 16.49
CA CYS B 306 -19.33 28.98 15.26
C CYS B 306 -18.53 27.72 14.92
N THR B 307 -18.95 27.01 13.87
CA THR B 307 -18.34 25.73 13.49
C THR B 307 -16.97 25.94 12.83
N ASN B 308 -15.92 25.35 13.40
CA ASN B 308 -14.57 25.53 12.87
C ASN B 308 -13.65 24.37 13.28
N ALA B 309 -12.48 24.33 12.67
CA ALA B 309 -11.53 23.24 12.83
C ALA B 309 -10.68 23.38 14.11
N TYR B 310 -10.52 22.26 14.84
CA TYR B 310 -9.56 22.20 15.94
C TYR B 310 -8.48 21.13 15.75
N MET B 311 -8.60 20.26 14.76
CA MET B 311 -7.54 19.29 14.46
C MET B 311 -7.62 18.96 12.97
N LEU B 312 -6.45 18.81 12.35
CA LEU B 312 -6.34 18.43 10.95
C LEU B 312 -5.48 17.20 10.85
N VAL B 313 -5.81 16.31 9.91
CA VAL B 313 -4.96 15.17 9.56
C VAL B 313 -4.52 15.36 8.12
N TYR B 314 -3.21 15.34 7.90
CA TYR B 314 -2.62 15.30 6.57
C TYR B 314 -1.85 14.01 6.40
N ILE B 315 -1.89 13.49 5.16
CA ILE B 315 -1.10 12.34 4.76
C ILE B 315 -0.11 12.76 3.69
N ARG B 316 1.14 12.27 3.80
CA ARG B 316 2.17 12.58 2.83
C ARG B 316 1.83 11.96 1.49
N GLU B 317 2.07 12.73 0.43
CA GLU B 317 1.56 12.41 -0.91
C GLU B 317 2.16 11.12 -1.47
N SER B 318 3.41 10.84 -1.12
CA SER B 318 4.03 9.62 -1.62
C SER B 318 3.45 8.39 -0.92
N LYS B 319 3.25 8.49 0.39
CA LYS B 319 2.81 7.41 1.24
C LYS B 319 1.30 7.28 1.28
N LEU B 320 0.58 8.06 0.46
CA LEU B 320 -0.86 8.14 0.56
C LEU B 320 -1.53 6.81 0.22
N SER B 321 -1.21 6.24 -0.93
CA SER B 321 -1.89 5.00 -1.28
C SER B 321 -1.35 3.80 -0.52
N GLU B 322 -0.26 3.95 0.25
CA GLU B 322 0.13 2.92 1.22
C GLU B 322 -0.66 3.05 2.51
N VAL B 323 -0.79 4.26 3.05
CA VAL B 323 -1.60 4.47 4.26
C VAL B 323 -3.05 4.09 3.99
N LEU B 324 -3.55 4.41 2.79
CA LEU B 324 -4.94 4.22 2.43
C LEU B 324 -5.15 2.94 1.63
N GLN B 325 -4.29 1.94 1.84
CA GLN B 325 -4.39 0.66 1.14
C GLN B 325 -5.74 0.03 1.40
N ALA B 326 -6.21 -0.75 0.43
CA ALA B 326 -7.47 -1.43 0.58
C ALA B 326 -7.42 -2.38 1.76
N VAL B 327 -8.42 -2.30 2.64
CA VAL B 327 -8.60 -3.27 3.72
C VAL B 327 -9.89 -4.04 3.47
N THR B 328 -9.79 -5.36 3.40
CA THR B 328 -10.93 -6.22 3.15
C THR B 328 -11.12 -7.19 4.31
N ASP B 329 -12.13 -8.06 4.18
CA ASP B 329 -12.39 -9.06 5.21
C ASP B 329 -11.28 -10.10 5.28
N HIS B 330 -10.57 -10.32 4.18
CA HIS B 330 -9.43 -11.24 4.18
C HIS B 330 -8.32 -10.77 5.09
N ASP B 331 -8.35 -9.50 5.49
CA ASP B 331 -7.33 -8.91 6.35
C ASP B 331 -7.69 -9.01 7.83
N ILE B 332 -8.80 -9.63 8.19
CA ILE B 332 -9.19 -9.83 9.58
C ILE B 332 -8.99 -11.31 9.91
N PRO B 333 -8.18 -11.65 10.92
CA PRO B 333 -7.96 -13.07 11.23
C PRO B 333 -9.21 -13.74 11.78
N GLN B 334 -9.32 -15.06 11.54
CA GLN B 334 -10.52 -15.80 11.89
C GLN B 334 -10.69 -15.90 13.40
N GLN B 335 -9.58 -15.91 14.15
CA GLN B 335 -9.67 -15.91 15.61
C GLN B 335 -10.38 -14.67 16.10
N LEU B 336 -10.12 -13.53 15.47
CA LEU B 336 -10.80 -12.31 15.85
C LEU B 336 -12.26 -12.35 15.42
N VAL B 337 -12.53 -12.76 14.18
CA VAL B 337 -13.90 -12.72 13.67
C VAL B 337 -14.79 -13.69 14.44
N GLU B 338 -14.27 -14.89 14.72
CA GLU B 338 -15.04 -15.88 15.47
C GLU B 338 -15.28 -15.41 16.90
N ARG B 339 -14.35 -14.63 17.46
CA ARG B 339 -14.59 -14.08 18.80
C ARG B 339 -15.72 -13.05 18.78
N LEU B 340 -15.69 -12.14 17.81
CA LEU B 340 -16.71 -11.09 17.75
C LEU B 340 -18.07 -11.64 17.31
N GLN B 341 -18.08 -12.66 16.45
CA GLN B 341 -19.34 -13.32 16.13
C GLN B 341 -19.94 -13.98 17.38
N GLU B 342 -19.10 -14.54 18.24
CA GLU B 342 -19.63 -15.15 19.46
C GLU B 342 -20.18 -14.09 20.42
N GLU B 343 -19.54 -12.92 20.47
CA GLU B 343 -20.02 -11.82 21.31
C GLU B 343 -21.37 -11.32 20.84
N LYS B 344 -21.59 -11.28 19.51
CA LYS B 344 -22.89 -10.87 18.99
C LYS B 344 -23.97 -11.85 19.38
N ARG B 345 -23.64 -13.14 19.47
CA ARG B 345 -24.63 -14.17 19.82
C ARG B 345 -25.02 -14.10 21.29
N ILE B 346 -24.06 -13.87 22.19
CA ILE B 346 -24.37 -13.74 23.62
C ILE B 346 -25.28 -12.54 23.86
N GLU B 347 -24.97 -11.42 23.20
CA GLU B 347 -25.80 -10.23 23.25
C GLU B 347 -27.22 -10.51 22.75
N ALA B 348 -27.34 -11.36 21.71
CA ALA B 348 -28.66 -11.71 21.19
C ALA B 348 -29.49 -12.47 22.22
N GLN B 349 -28.87 -13.34 23.03
CA GLN B 349 -29.57 -13.97 24.15
C GLN B 349 -29.68 -12.93 25.27
N LYS B 350 -30.74 -12.12 25.19
CA LYS B 350 -31.00 -11.01 26.11
C LYS B 350 -32.40 -10.43 25.87
C10 A1I71 C . 17.97 -21.59 -26.42
C11 A1I71 C . 15.94 -21.14 -24.97
C12 A1I71 C . 15.99 -19.70 -23.19
C13 A1I71 C . 14.65 -19.87 -22.89
C14 A1I71 C . 13.92 -20.73 -23.70
C15 A1I71 C . 14.56 -21.38 -24.75
C16 A1I71 C . 18.72 -20.41 -26.20
C17 A1I71 C . 20.05 -20.33 -26.67
C4 A1I71 C . 20.88 -19.18 -26.48
C5 A1I71 C . 22.16 -19.18 -26.99
C6 A1I71 C . 22.65 -20.30 -27.69
C7 A1I71 C . 21.88 -21.41 -27.89
C8 A1I71 C . 20.56 -21.45 -27.39
C9 A1I71 C . 19.71 -22.58 -27.57
N2 A1I71 C . 18.48 -22.62 -27.11
N3 A1I71 C . 16.66 -21.73 -25.97
N4 A1I71 C . 16.60 -20.30 -24.16
N5 A1I71 C . 13.74 -22.28 -25.58
O1 A1I71 C . 12.59 -22.50 -25.25
O2 A1I71 C . 14.25 -22.74 -26.60
C1 EDO D . 9.64 -19.09 -23.33
O1 EDO D . 10.84 -18.51 -23.86
C2 EDO D . 9.17 -18.28 -22.11
O2 EDO D . 7.81 -18.55 -21.78
C1 PEG E . -8.78 -6.87 -26.48
O1 PEG E . -10.01 -6.17 -26.44
C2 PEG E . -8.49 -7.42 -27.82
O2 PEG E . -7.51 -6.66 -28.44
C3 PEG E . -7.84 -5.27 -28.58
C4 PEG E . -6.79 -4.64 -29.42
O4 PEG E . -5.88 -5.64 -29.80
C1 EDO F . 24.60 2.75 -18.39
O1 EDO F . 24.61 1.65 -19.29
C2 EDO F . 23.95 2.34 -17.07
O2 EDO F . 23.60 3.51 -16.33
BR BR G . 26.86 -10.49 -10.23
C1 PEG H . -4.18 28.17 2.73
O1 PEG H . -4.72 28.27 4.02
C2 PEG H . -2.73 28.03 2.88
O2 PEG H . -2.42 28.18 4.26
C3 PEG H . -1.05 28.11 4.56
C4 PEG H . -0.53 26.75 4.31
O4 PEG H . 0.26 26.69 3.13
C1 EDO I . -11.08 19.80 23.46
O1 EDO I . -12.48 20.02 23.27
C2 EDO I . -10.46 19.53 22.09
O2 EDO I . -9.25 18.77 22.24
C10 A1I71 J . -18.23 20.09 27.86
C11 A1I71 J . -16.01 19.50 26.86
C12 A1I71 J . -15.70 17.44 25.91
C13 A1I71 J . -14.36 17.65 25.66
C14 A1I71 J . -13.82 18.86 26.06
C15 A1I71 J . -14.64 19.81 26.69
C16 A1I71 J . -19.17 19.33 27.12
C17 A1I71 J . -20.48 19.16 27.61
C4 A1I71 J . -21.49 18.40 26.95
C5 A1I71 J . -22.75 18.30 27.52
C6 A1I71 J . -23.04 18.94 28.73
C7 A1I71 J . -22.10 19.67 29.39
C8 A1I71 J . -20.79 19.79 28.85
C9 A1I71 J . -19.78 20.53 29.51
N2 A1I71 J . -18.57 20.68 29.02
N3 A1I71 J . -16.91 20.33 27.47
N4 A1I71 J . -16.49 18.31 26.48
N5 A1I71 J . -14.03 21.09 27.09
O1 A1I71 J . -14.49 22.13 26.63
O2 A1I71 J . -13.12 21.07 27.92
C19 A1I71 J . -21.23 17.71 25.66
C1 A1I71 J . -21.27 18.29 24.38
N6 A1I71 J . -21.01 17.38 23.47
N1 A1I71 J . -20.82 16.22 24.13
C18 A1I71 J . -20.95 16.39 25.46
C2 A1I71 J . -20.52 15.00 23.41
BR BR K . -21.88 -0.51 22.89
BR BR L . -21.14 11.69 32.38
#